data_3H3B
#
_entry.id   3H3B
#
_cell.length_a   82.177
_cell.length_b   87.200
_cell.length_c   108.520
_cell.angle_alpha   90.00
_cell.angle_beta   90.00
_cell.angle_gamma   90.00
#
_symmetry.space_group_name_H-M   'P 21 21 21'
#
loop_
_entity.id
_entity.type
_entity.pdbx_description
1 polymer 'Receptor tyrosine-protein kinase erbB-2'
2 polymer 'anti-ErbB2 antibody chA21'
3 water water
#
loop_
_entity_poly.entity_id
_entity_poly.type
_entity_poly.pdbx_seq_one_letter_code
_entity_poly.pdbx_strand_id
1 'polypeptide(L)'
;GSTQVCTGTDMKLRLPASPETHLDMLRHLYQGCQVVQGNLELTYLPTNASLSFLQDIQEVQGYVLIAHNQVRQVPLQRLR
IVRGTQLFEDNYALAVLDNGDPLNNTTPVTGASPGGLRELQLRSLTEILKGGVLIQRNPQLCYQDTILWKDIFHKNNQLA
LTLIDTNRSRACHPCSPMCKGSRCWGESSEDCQS
;
A,B
2 'polypeptide(L)'
;AAQPADIVLTQTPSSLPVSVGEKVTMTCKSSQTLLYSNNQKNYLAWYQQKPGQSPKLLISWAFTRKSGVPDRFTGSGSGT
DFTLTIGSVKAEDLAVYYCQQYSNYPWTFGGGTRLEIKRGGGGSGGGGSGGGGSGGGGSEVQLQQSGPEVVKTGASVKIS
CKASGYSFTGYFINWVKKNSGKSPEWIGHISSSYATSTYNQKFKNKAAFTVDTSSSTAFMQLNSLTSEDSAVYYCVRSGN
YEEYAMDYWGQGTSVTVSS
;
C,D
#
# COMPACT_ATOMS: atom_id res chain seq x y z
N SER A 2 0.34 -5.28 44.81
CA SER A 2 -0.96 -5.96 44.55
C SER A 2 -1.02 -6.59 43.16
N THR A 3 -0.13 -6.13 42.27
CA THR A 3 -0.01 -6.67 40.92
C THR A 3 1.46 -7.04 40.65
N GLN A 4 1.69 -7.94 39.71
CA GLN A 4 3.05 -8.28 39.30
C GLN A 4 3.58 -7.24 38.31
N VAL A 5 4.69 -6.62 38.70
CA VAL A 5 5.28 -5.52 37.97
C VAL A 5 6.54 -5.98 37.20
N CYS A 6 6.76 -5.37 36.04
CA CYS A 6 7.98 -5.59 35.26
C CYS A 6 8.29 -4.34 34.43
N THR A 7 9.55 -4.18 34.02
CA THR A 7 9.92 -3.06 33.15
C THR A 7 9.62 -3.40 31.69
N GLY A 8 9.75 -2.41 30.82
CA GLY A 8 9.58 -2.63 29.39
C GLY A 8 10.92 -2.54 28.68
N THR A 9 10.86 -2.20 27.39
CA THR A 9 12.07 -2.00 26.59
C THR A 9 12.03 -0.68 25.82
N ASP A 10 13.17 -0.33 25.23
CA ASP A 10 13.32 0.90 24.47
C ASP A 10 14.15 0.64 23.21
N MET A 11 13.97 -0.54 22.63
CA MET A 11 14.72 -0.98 21.44
C MET A 11 14.12 -0.43 20.15
N LYS A 12 12.83 -0.09 20.20
CA LYS A 12 12.06 0.32 19.02
C LYS A 12 12.23 -0.67 17.87
N LEU A 13 12.49 -0.17 16.65
CA LEU A 13 12.56 -1.05 15.48
C LEU A 13 13.95 -1.66 15.23
N ARG A 14 14.80 -1.68 16.26
CA ARG A 14 16.18 -2.15 16.13
C ARG A 14 16.31 -3.68 16.03
N LEU A 15 17.16 -4.13 15.10
CA LEU A 15 17.35 -5.55 14.85
C LEU A 15 18.18 -6.21 15.95
N PRO A 16 17.67 -7.32 16.53
CA PRO A 16 18.29 -8.01 17.65
C PRO A 16 19.58 -8.74 17.29
N ALA A 17 20.39 -9.05 18.31
CA ALA A 17 21.65 -9.77 18.11
C ALA A 17 21.42 -11.16 17.51
N SER A 18 20.51 -11.93 18.10
CA SER A 18 20.12 -13.23 17.59
C SER A 18 18.67 -13.51 17.98
N PRO A 19 17.95 -14.31 17.17
CA PRO A 19 16.57 -14.70 17.52
C PRO A 19 16.53 -15.55 18.79
N GLU A 20 17.65 -16.20 19.11
CA GLU A 20 17.78 -17.06 20.29
C GLU A 20 17.78 -16.26 21.58
N THR A 21 18.56 -15.18 21.63
CA THR A 21 18.59 -14.31 22.81
C THR A 21 17.37 -13.41 22.89
N HIS A 22 16.81 -13.06 21.73
CA HIS A 22 15.70 -12.11 21.65
C HIS A 22 14.41 -12.62 22.32
N LEU A 23 13.97 -13.82 21.94
CA LEU A 23 12.77 -14.43 22.50
C LEU A 23 12.97 -14.85 23.96
N ASP A 24 14.16 -15.35 24.27
CA ASP A 24 14.51 -15.79 25.63
C ASP A 24 14.50 -14.63 26.62
N MET A 25 14.97 -13.47 26.18
CA MET A 25 14.97 -12.26 27.00
C MET A 25 13.54 -11.77 27.24
N LEU A 26 12.72 -11.75 26.19
CA LEU A 26 11.32 -11.32 26.29
C LEU A 26 10.51 -12.24 27.20
N ARG A 27 10.76 -13.55 27.09
CA ARG A 27 10.11 -14.54 27.96
C ARG A 27 10.49 -14.33 29.42
N HIS A 28 11.78 -14.12 29.67
CA HIS A 28 12.32 -13.85 31.00
CA HIS A 28 12.28 -13.87 31.02
C HIS A 28 11.74 -12.56 31.60
N LEU A 29 11.52 -11.56 30.73
CA LEU A 29 11.01 -10.27 31.17
C LEU A 29 9.52 -10.27 31.49
N TYR A 30 8.70 -10.81 30.59
CA TYR A 30 7.24 -10.65 30.67
C TYR A 30 6.46 -11.78 31.36
N GLN A 31 7.08 -12.95 31.51
CA GLN A 31 6.38 -14.09 32.12
C GLN A 31 5.97 -13.77 33.56
N GLY A 32 4.68 -13.90 33.84
CA GLY A 32 4.13 -13.58 35.14
C GLY A 32 3.71 -12.13 35.29
N CYS A 33 4.28 -11.26 34.45
CA CYS A 33 4.06 -9.81 34.55
C CYS A 33 2.64 -9.40 34.20
N GLN A 34 2.07 -8.55 35.04
CA GLN A 34 0.71 -8.04 34.87
C GLN A 34 0.72 -6.57 34.48
N VAL A 35 1.69 -5.84 35.02
CA VAL A 35 1.85 -4.41 34.75
C VAL A 35 3.25 -4.13 34.20
N VAL A 36 3.32 -3.77 32.92
CA VAL A 36 4.59 -3.35 32.34
C VAL A 36 4.79 -1.84 32.50
N GLN A 37 5.76 -1.49 33.34
CA GLN A 37 6.08 -0.11 33.66
C GLN A 37 7.05 0.44 32.64
N GLY A 38 6.50 0.79 31.47
CA GLY A 38 7.28 1.19 30.32
C GLY A 38 6.62 0.69 29.04
N ASN A 39 7.42 0.42 28.02
CA ASN A 39 6.91 0.06 26.70
C ASN A 39 6.96 -1.43 26.39
N LEU A 40 5.84 -1.98 25.94
CA LEU A 40 5.77 -3.37 25.49
C LEU A 40 6.11 -3.45 24.01
N GLU A 41 7.32 -3.93 23.73
CA GLU A 41 7.81 -4.04 22.36
C GLU A 41 8.02 -5.50 21.98
N LEU A 42 7.26 -5.94 20.97
CA LEU A 42 7.34 -7.31 20.46
C LEU A 42 7.67 -7.27 18.98
N THR A 43 8.94 -7.53 18.68
CA THR A 43 9.46 -7.33 17.32
C THR A 43 10.26 -8.53 16.82
N TYR A 44 10.24 -8.72 15.49
CA TYR A 44 11.06 -9.73 14.81
C TYR A 44 10.87 -11.15 15.33
N LEU A 45 9.68 -11.45 15.86
CA LEU A 45 9.37 -12.77 16.39
C LEU A 45 9.04 -13.74 15.25
N PRO A 46 9.63 -14.95 15.28
CA PRO A 46 9.41 -15.94 14.22
C PRO A 46 8.02 -16.57 14.24
N THR A 47 7.70 -17.28 13.16
CA THR A 47 6.39 -17.89 12.95
C THR A 47 5.89 -18.75 14.11
N ASN A 48 6.74 -19.67 14.57
CA ASN A 48 6.33 -20.64 15.58
C ASN A 48 6.77 -20.29 17.01
N ALA A 49 6.98 -19.00 17.25
CA ALA A 49 7.39 -18.51 18.57
C ALA A 49 6.24 -18.62 19.57
N SER A 50 6.49 -19.30 20.68
CA SER A 50 5.49 -19.43 21.74
C SER A 50 5.44 -18.18 22.60
N LEU A 51 4.28 -17.53 22.61
CA LEU A 51 4.09 -16.24 23.27
C LEU A 51 3.14 -16.34 24.46
N SER A 52 3.02 -17.53 25.04
CA SER A 52 2.12 -17.77 26.17
C SER A 52 2.54 -17.03 27.44
N PHE A 53 3.77 -16.56 27.49
CA PHE A 53 4.28 -15.78 28.63
C PHE A 53 3.64 -14.38 28.74
N LEU A 54 2.91 -13.96 27.71
CA LEU A 54 2.26 -12.64 27.69
C LEU A 54 0.87 -12.64 28.32
N GLN A 55 0.38 -13.82 28.66
CA GLN A 55 -1.03 -14.02 28.98
C GLN A 55 -1.55 -13.23 30.19
N ASP A 56 -0.64 -12.84 31.09
CA ASP A 56 -1.00 -12.17 32.34
C ASP A 56 -0.97 -10.64 32.27
N ILE A 57 -0.42 -10.09 31.17
CA ILE A 57 -0.28 -8.64 31.03
C ILE A 57 -1.65 -7.96 30.96
N GLN A 58 -1.90 -7.08 31.93
CA GLN A 58 -3.18 -6.40 32.09
C GLN A 58 -3.12 -4.92 31.75
N GLU A 59 -1.95 -4.31 31.94
CA GLU A 59 -1.72 -2.92 31.54
C GLU A 59 -0.30 -2.63 31.09
N VAL A 60 -0.19 -1.67 30.17
CA VAL A 60 1.08 -1.15 29.70
C VAL A 60 1.09 0.35 29.98
N GLN A 61 2.10 0.83 30.68
CA GLN A 61 2.15 2.24 31.09
C GLN A 61 2.64 3.17 29.98
N GLY A 62 3.56 2.67 29.15
CA GLY A 62 4.04 3.42 27.98
C GLY A 62 3.23 3.10 26.74
N TYR A 63 3.93 2.71 25.67
CA TYR A 63 3.27 2.33 24.43
C TYR A 63 3.40 0.83 24.14
N VAL A 64 2.59 0.34 23.20
CA VAL A 64 2.70 -1.02 22.69
C VAL A 64 3.18 -0.99 21.24
N LEU A 65 4.30 -1.65 20.97
CA LEU A 65 4.84 -1.76 19.63
C LEU A 65 4.90 -3.22 19.19
N ILE A 66 4.27 -3.50 18.05
CA ILE A 66 4.24 -4.83 17.47
C ILE A 66 4.69 -4.71 16.01
N ALA A 67 5.90 -5.15 15.72
CA ALA A 67 6.53 -4.86 14.44
C ALA A 67 7.41 -5.97 13.87
N HIS A 68 7.40 -6.10 12.55
CA HIS A 68 8.27 -7.03 11.82
C HIS A 68 8.21 -8.48 12.30
N ASN A 69 7.04 -8.88 12.79
CA ASN A 69 6.83 -10.23 13.28
C ASN A 69 6.36 -11.17 12.19
N GLN A 70 6.86 -12.40 12.23
CA GLN A 70 6.33 -13.47 11.41
C GLN A 70 5.30 -14.26 12.19
N VAL A 71 5.30 -14.12 13.51
CA VAL A 71 4.36 -14.82 14.39
C VAL A 71 2.93 -14.53 13.95
N ARG A 72 2.14 -15.59 13.83
CA ARG A 72 0.81 -15.53 13.23
C ARG A 72 -0.21 -14.82 14.12
N GLN A 73 -0.02 -14.94 15.42
CA GLN A 73 -0.92 -14.33 16.40
C GLN A 73 -0.14 -13.81 17.58
N VAL A 74 -0.48 -12.61 18.02
CA VAL A 74 0.03 -12.06 19.26
C VAL A 74 -1.10 -12.09 20.29
N PRO A 75 -0.99 -12.95 21.31
CA PRO A 75 -2.01 -13.09 22.32
C PRO A 75 -1.80 -12.17 23.54
N LEU A 76 -2.56 -11.07 23.58
CA LEU A 76 -2.58 -10.18 24.72
C LEU A 76 -4.03 -10.01 25.18
N GLN A 77 -4.69 -11.15 25.40
CA GLN A 77 -6.12 -11.21 25.68
CA GLN A 77 -6.12 -11.21 25.70
C GLN A 77 -6.50 -10.58 27.04
N ARG A 78 -5.51 -10.38 27.90
CA ARG A 78 -5.78 -9.78 29.21
C ARG A 78 -5.48 -8.28 29.26
N LEU A 79 -4.85 -7.75 28.21
CA LEU A 79 -4.49 -6.33 28.18
C LEU A 79 -5.74 -5.43 28.16
N ARG A 80 -5.92 -4.72 29.26
CA ARG A 80 -7.11 -3.90 29.47
C ARG A 80 -6.84 -2.43 29.15
N ILE A 81 -5.64 -1.96 29.46
CA ILE A 81 -5.33 -0.53 29.38
C ILE A 81 -3.90 -0.20 28.93
N VAL A 82 -3.78 0.72 27.97
CA VAL A 82 -2.50 1.29 27.59
C VAL A 82 -2.53 2.78 27.97
N ARG A 83 -1.55 3.21 28.77
CA ARG A 83 -1.58 4.57 29.34
C ARG A 83 -1.01 5.67 28.44
N GLY A 84 -0.04 5.32 27.61
CA GLY A 84 0.63 6.30 26.76
C GLY A 84 1.42 7.34 27.53
N THR A 85 2.04 6.92 28.63
CA THR A 85 2.94 7.77 29.43
C THR A 85 4.12 8.18 28.56
N GLN A 86 4.53 7.28 27.67
CA GLN A 86 5.42 7.59 26.58
C GLN A 86 4.85 7.05 25.27
N LEU A 87 5.24 7.66 24.16
CA LEU A 87 4.60 7.38 22.89
C LEU A 87 5.59 7.00 21.80
N PHE A 88 5.07 6.26 20.83
CA PHE A 88 5.85 5.87 19.68
C PHE A 88 5.65 6.90 18.57
N GLU A 89 6.78 7.41 18.05
CA GLU A 89 6.82 8.49 17.04
C GLU A 89 6.05 9.72 17.54
N ASP A 90 6.08 9.86 18.87
CA ASP A 90 5.61 11.05 19.63
C ASP A 90 4.09 11.19 19.70
N ASN A 91 3.36 10.33 18.99
CA ASN A 91 1.91 10.49 18.89
C ASN A 91 1.12 9.20 19.17
N TYR A 92 1.79 8.04 19.21
CA TYR A 92 1.07 6.75 19.22
C TYR A 92 1.27 5.84 20.43
N ALA A 93 0.16 5.42 21.02
CA ALA A 93 0.16 4.48 22.15
C ALA A 93 0.19 3.04 21.67
N LEU A 94 -0.39 2.79 20.50
CA LEU A 94 -0.37 1.48 19.87
C LEU A 94 0.09 1.59 18.43
N ALA A 95 1.13 0.83 18.10
CA ALA A 95 1.69 0.81 16.74
C ALA A 95 1.95 -0.62 16.27
N VAL A 96 1.25 -1.01 15.21
CA VAL A 96 1.37 -2.35 14.61
C VAL A 96 1.91 -2.20 13.19
N LEU A 97 3.15 -2.63 12.98
CA LEU A 97 3.89 -2.24 11.78
C LEU A 97 4.61 -3.37 11.06
N ASP A 98 4.45 -3.43 9.74
CA ASP A 98 5.29 -4.27 8.88
C ASP A 98 5.43 -5.71 9.36
N ASN A 99 4.31 -6.32 9.75
CA ASN A 99 4.34 -7.65 10.33
C ASN A 99 4.20 -8.79 9.31
N GLY A 100 5.29 -9.02 8.58
CA GLY A 100 5.45 -10.24 7.80
C GLY A 100 5.27 -10.17 6.30
N ASP A 101 4.81 -11.29 5.74
CA ASP A 101 4.75 -11.52 4.31
C ASP A 101 3.31 -11.77 3.84
N PRO A 102 3.01 -11.43 2.57
CA PRO A 102 1.68 -11.70 2.01
C PRO A 102 1.36 -13.18 1.98
N LEU A 103 0.08 -13.49 2.17
CA LEU A 103 -0.44 -14.84 2.04
C LEU A 103 -1.87 -14.77 1.54
N ASN A 104 -2.26 -15.76 0.74
CA ASN A 104 -3.62 -15.87 0.24
C ASN A 104 -4.58 -16.44 1.29
N ASN A 105 -5.84 -16.61 0.89
CA ASN A 105 -6.92 -17.07 1.77
C ASN A 105 -6.68 -18.42 2.47
N THR A 106 -5.66 -19.17 2.06
CA THR A 106 -5.43 -20.50 2.62
C THR A 106 -5.05 -20.44 4.09
N THR A 107 -5.71 -21.25 4.92
CA THR A 107 -5.27 -21.41 6.31
C THR A 107 -3.85 -21.95 6.34
N PRO A 108 -2.94 -21.25 7.05
CA PRO A 108 -1.51 -21.53 7.07
C PRO A 108 -1.10 -22.97 7.42
N VAL A 109 -0.09 -23.47 6.72
CA VAL A 109 0.56 -24.73 7.02
C VAL A 109 1.82 -24.41 7.83
N THR A 110 1.90 -25.02 9.01
CA THR A 110 2.84 -24.59 10.07
C THR A 110 4.27 -24.43 9.59
N GLY A 111 4.69 -25.23 8.61
CA GLY A 111 6.05 -25.13 8.12
C GLY A 111 6.25 -24.61 6.71
N ALA A 112 5.19 -24.16 6.04
CA ALA A 112 5.34 -23.86 4.61
C ALA A 112 4.92 -22.44 4.29
N SER A 113 3.83 -22.06 4.92
CA SER A 113 3.13 -20.81 4.70
C SER A 113 3.93 -19.63 5.20
N PRO A 114 4.15 -18.63 4.31
CA PRO A 114 4.76 -17.37 4.66
C PRO A 114 4.19 -16.83 5.96
N GLY A 115 5.07 -16.38 6.86
CA GLY A 115 4.68 -15.87 8.16
C GLY A 115 4.21 -14.43 8.12
N GLY A 116 3.54 -14.03 9.19
CA GLY A 116 2.98 -12.69 9.30
C GLY A 116 1.82 -12.66 10.30
N LEU A 117 1.60 -11.49 10.89
CA LEU A 117 0.54 -11.34 11.89
C LEU A 117 -0.84 -11.36 11.25
N ARG A 118 -1.69 -12.24 11.76
CA ARG A 118 -3.04 -12.42 11.24
C ARG A 118 -4.09 -11.74 12.12
N GLU A 119 -3.89 -11.80 13.43
CA GLU A 119 -4.80 -11.18 14.39
C GLU A 119 -4.12 -10.72 15.68
N LEU A 120 -4.41 -9.48 16.07
CA LEU A 120 -3.95 -8.92 17.33
C LEU A 120 -5.04 -9.17 18.37
N GLN A 121 -4.84 -10.18 19.20
CA GLN A 121 -5.87 -10.64 20.13
C GLN A 121 -5.91 -9.77 21.39
N LEU A 122 -6.80 -8.79 21.39
CA LEU A 122 -6.92 -7.81 22.47
C LEU A 122 -8.35 -7.72 23.00
N ARG A 123 -8.90 -8.85 23.43
CA ARG A 123 -10.33 -8.90 23.78
C ARG A 123 -10.65 -8.00 24.97
N SER A 124 -9.69 -7.84 25.86
CA SER A 124 -9.99 -7.04 27.08
C SER A 124 -9.69 -5.54 26.96
N LEU A 125 -9.14 -5.13 25.83
CA LEU A 125 -8.74 -3.72 25.63
C LEU A 125 -9.95 -2.78 25.60
N THR A 126 -9.99 -1.89 26.59
CA THR A 126 -11.10 -0.94 26.73
C THR A 126 -10.64 0.52 26.88
N GLU A 127 -9.36 0.72 27.23
CA GLU A 127 -8.85 2.06 27.54
C GLU A 127 -7.48 2.37 26.93
N ILE A 128 -7.43 3.44 26.16
CA ILE A 128 -6.17 4.06 25.76
C ILE A 128 -6.21 5.50 26.25
N LEU A 129 -5.38 5.81 27.24
CA LEU A 129 -5.44 7.09 27.93
C LEU A 129 -4.91 8.25 27.11
N LYS A 130 -3.71 8.07 26.54
CA LYS A 130 -3.06 9.09 25.71
C LYS A 130 -2.42 8.44 24.49
N GLY A 131 -2.47 9.13 23.37
CA GLY A 131 -1.87 8.64 22.12
C GLY A 131 -2.86 7.88 21.26
N GLY A 132 -2.51 7.72 19.98
CA GLY A 132 -3.41 7.11 19.01
C GLY A 132 -3.04 5.71 18.60
N VAL A 133 -3.70 5.23 17.54
CA VAL A 133 -3.46 3.89 17.00
C VAL A 133 -2.90 3.98 15.58
N LEU A 134 -1.77 3.31 15.38
CA LEU A 134 -1.07 3.30 14.10
C LEU A 134 -0.89 1.86 13.62
N ILE A 135 -1.66 1.46 12.61
CA ILE A 135 -1.59 0.12 12.05
C ILE A 135 -1.29 0.21 10.56
N GLN A 136 -0.08 -0.19 10.18
CA GLN A 136 0.43 0.00 8.82
C GLN A 136 1.16 -1.22 8.30
N ARG A 137 0.84 -1.61 7.07
CA ARG A 137 1.59 -2.62 6.31
C ARG A 137 1.63 -4.00 6.98
N ASN A 138 0.45 -4.55 7.24
CA ASN A 138 0.30 -5.89 7.78
C ASN A 138 -0.57 -6.71 6.83
N PRO A 139 0.07 -7.40 5.87
CA PRO A 139 -0.63 -8.07 4.76
C PRO A 139 -1.64 -9.13 5.19
N GLN A 140 -1.31 -9.85 6.27
CA GLN A 140 -2.16 -10.96 6.71
C GLN A 140 -3.14 -10.57 7.82
N LEU A 141 -2.99 -9.34 8.34
CA LEU A 141 -3.77 -8.89 9.49
C LEU A 141 -5.22 -8.57 9.15
N CYS A 142 -6.11 -9.10 9.97
CA CYS A 142 -7.53 -8.83 9.87
C CYS A 142 -8.06 -8.21 11.15
N TYR A 143 -9.24 -7.59 11.04
CA TYR A 143 -10.07 -7.13 12.16
C TYR A 143 -9.79 -5.73 12.78
N GLN A 144 -8.79 -4.99 12.28
CA GLN A 144 -8.54 -3.62 12.78
C GLN A 144 -9.68 -2.69 12.40
N ASP A 145 -10.38 -3.05 11.33
CA ASP A 145 -11.43 -2.22 10.75
C ASP A 145 -12.82 -2.64 11.18
N THR A 146 -12.90 -3.63 12.08
CA THR A 146 -14.17 -3.96 12.71
C THR A 146 -14.27 -3.30 14.09
N ILE A 147 -13.11 -2.93 14.63
CA ILE A 147 -13.02 -2.37 15.97
C ILE A 147 -13.46 -0.90 16.01
N LEU A 148 -14.29 -0.57 16.98
CA LEU A 148 -14.62 0.78 17.29
C LEU A 148 -13.66 1.43 18.27
N TRP A 149 -12.66 2.09 17.74
CA TRP A 149 -11.58 2.66 18.54
C TRP A 149 -12.06 3.84 19.38
N LYS A 150 -13.18 4.45 18.97
CA LYS A 150 -13.85 5.54 19.69
C LYS A 150 -14.23 5.13 21.11
N ASP A 151 -14.62 3.86 21.27
CA ASP A 151 -14.97 3.32 22.59
C ASP A 151 -13.73 2.99 23.43
N ILE A 152 -12.59 2.85 22.76
CA ILE A 152 -11.33 2.51 23.42
C ILE A 152 -10.58 3.77 23.87
N PHE A 153 -10.60 4.82 23.05
CA PHE A 153 -9.97 6.09 23.40
C PHE A 153 -10.67 6.73 24.59
N HIS A 154 -9.87 7.16 25.57
CA HIS A 154 -10.39 7.91 26.70
C HIS A 154 -10.88 9.28 26.23
N LYS A 155 -11.93 9.77 26.88
CA LYS A 155 -12.54 11.05 26.51
C LYS A 155 -11.61 12.25 26.67
N ASN A 156 -10.59 12.09 27.53
CA ASN A 156 -9.55 13.10 27.71
C ASN A 156 -8.38 12.95 26.74
N ASN A 157 -8.37 11.86 25.97
CA ASN A 157 -7.30 11.61 25.01
C ASN A 157 -7.27 12.64 23.88
N GLN A 158 -6.35 13.60 24.00
CA GLN A 158 -6.22 14.69 23.05
C GLN A 158 -5.47 14.28 21.77
N LEU A 159 -4.79 13.13 21.84
CA LEU A 159 -4.09 12.58 20.68
C LEU A 159 -4.76 11.30 20.17
N ALA A 160 -6.09 11.31 20.14
CA ALA A 160 -6.87 10.15 19.73
C ALA A 160 -6.85 9.99 18.20
N LEU A 161 -5.68 9.63 17.69
CA LEU A 161 -5.47 9.51 16.25
C LEU A 161 -5.65 8.08 15.80
N THR A 162 -6.26 7.90 14.63
CA THR A 162 -6.28 6.60 13.98
C THR A 162 -5.64 6.73 12.60
N LEU A 163 -4.51 6.05 12.45
CA LEU A 163 -3.87 5.92 11.15
C LEU A 163 -3.83 4.42 10.87
N ILE A 164 -4.92 3.92 10.31
CA ILE A 164 -5.11 2.47 10.16
C ILE A 164 -5.21 2.04 8.70
N ASP A 165 -4.18 1.33 8.26
CA ASP A 165 -4.12 0.72 6.93
C ASP A 165 -4.97 -0.55 6.94
N THR A 166 -5.85 -0.70 5.94
CA THR A 166 -6.72 -1.86 5.84
C THR A 166 -6.34 -2.79 4.68
N ASN A 167 -5.31 -2.41 3.92
CA ASN A 167 -4.83 -3.21 2.80
C ASN A 167 -4.41 -4.62 3.22
N ARG A 168 -4.87 -5.61 2.46
CA ARG A 168 -4.70 -7.02 2.81
C ARG A 168 -4.37 -7.90 1.62
N SER A 169 -3.60 -8.96 1.85
CA SER A 169 -3.31 -9.97 0.83
C SER A 169 -4.36 -11.09 0.85
N ARG A 170 -5.04 -11.23 1.97
CA ARG A 170 -6.05 -12.27 2.17
C ARG A 170 -7.40 -11.66 2.59
N ALA A 171 -8.49 -12.35 2.24
CA ALA A 171 -9.82 -11.97 2.65
C ALA A 171 -10.07 -12.38 4.10
N CYS A 172 -10.78 -11.54 4.84
CA CYS A 172 -11.07 -11.82 6.24
C CYS A 172 -12.36 -12.58 6.41
N HIS A 173 -12.30 -13.69 7.14
CA HIS A 173 -13.51 -14.39 7.58
C HIS A 173 -14.29 -13.49 8.52
N PRO A 174 -15.63 -13.42 8.36
CA PRO A 174 -16.44 -12.59 9.26
C PRO A 174 -16.26 -12.98 10.72
N CYS A 175 -16.44 -12.01 11.64
CA CYS A 175 -16.47 -12.30 13.08
C CYS A 175 -17.53 -13.37 13.35
N SER A 176 -17.37 -14.09 14.45
CA SER A 176 -18.38 -15.06 14.86
C SER A 176 -19.64 -14.30 15.29
N PRO A 177 -20.83 -14.90 15.07
CA PRO A 177 -22.10 -14.23 15.38
C PRO A 177 -22.22 -13.85 16.85
N MET A 178 -21.43 -14.51 17.69
CA MET A 178 -21.37 -14.23 19.13
C MET A 178 -20.91 -12.81 19.41
N CYS A 179 -20.10 -12.26 18.51
CA CYS A 179 -19.63 -10.88 18.64
C CYS A 179 -20.70 -9.93 18.11
N LYS A 180 -21.52 -9.42 19.02
CA LYS A 180 -22.64 -8.55 18.69
C LYS A 180 -22.12 -7.25 18.08
N GLY A 181 -22.70 -6.85 16.94
CA GLY A 181 -22.22 -5.67 16.22
C GLY A 181 -21.07 -6.00 15.28
N SER A 182 -20.69 -7.28 15.24
CA SER A 182 -19.66 -7.79 14.34
C SER A 182 -18.30 -7.12 14.56
N ARG A 183 -17.99 -6.82 15.81
CA ARG A 183 -16.71 -6.22 16.18
C ARG A 183 -15.90 -7.25 16.95
N CYS A 184 -14.72 -7.57 16.44
CA CYS A 184 -13.87 -8.61 17.03
C CYS A 184 -12.39 -8.40 16.72
N TRP A 185 -11.54 -9.16 17.41
CA TRP A 185 -10.08 -9.08 17.24
C TRP A 185 -9.55 -10.29 16.50
N GLY A 186 -10.37 -11.34 16.45
CA GLY A 186 -10.04 -12.58 15.76
C GLY A 186 -11.32 -13.29 15.34
N GLU A 187 -11.18 -14.42 14.67
CA GLU A 187 -12.35 -15.13 14.13
C GLU A 187 -13.08 -16.00 15.14
N SER A 188 -12.55 -16.07 16.37
CA SER A 188 -13.14 -16.85 17.45
C SER A 188 -14.20 -16.08 18.23
N SER A 189 -15.09 -16.81 18.92
CA SER A 189 -16.12 -16.22 19.75
C SER A 189 -15.58 -15.68 21.07
N GLU A 190 -14.31 -15.98 21.35
CA GLU A 190 -13.61 -15.43 22.51
C GLU A 190 -12.73 -14.24 22.11
N ASP A 191 -13.02 -13.65 20.95
CA ASP A 191 -12.21 -12.56 20.42
C ASP A 191 -12.99 -11.25 20.21
N CYS A 192 -14.20 -11.17 20.73
CA CYS A 192 -15.05 -9.97 20.57
C CYS A 192 -14.46 -8.75 21.27
N GLN A 193 -14.81 -7.57 20.76
CA GLN A 193 -14.45 -6.31 21.41
C GLN A 193 -15.23 -6.17 22.71
N SER A 194 -14.52 -5.87 23.80
CA SER A 194 -15.14 -5.67 25.10
C SER A 194 -15.44 -4.19 25.31
N SER B 2 38.36 -17.78 -19.49
CA SER B 2 37.32 -18.81 -19.21
C SER B 2 36.33 -18.31 -18.17
N THR B 3 35.03 -18.44 -18.48
CA THR B 3 33.97 -17.94 -17.61
C THR B 3 33.77 -18.81 -16.37
N GLN B 4 33.61 -18.16 -15.22
CA GLN B 4 33.44 -18.84 -13.94
C GLN B 4 31.96 -19.09 -13.63
N VAL B 5 31.65 -20.32 -13.21
CA VAL B 5 30.27 -20.75 -12.99
C VAL B 5 30.05 -21.23 -11.54
N CYS B 6 28.85 -20.99 -11.02
CA CYS B 6 28.48 -21.44 -9.68
C CYS B 6 26.99 -21.77 -9.57
N THR B 7 26.59 -22.40 -8.50
CA THR B 7 25.23 -22.78 -8.26
C THR B 7 24.39 -21.65 -7.63
N GLY B 8 23.09 -21.79 -7.60
CA GLY B 8 22.30 -20.76 -6.97
C GLY B 8 21.78 -21.19 -5.65
N THR B 9 20.73 -20.55 -5.18
CA THR B 9 20.06 -20.98 -4.01
C THR B 9 18.58 -21.25 -4.17
N ASP B 10 17.99 -21.90 -3.20
CA ASP B 10 16.56 -22.24 -3.20
C ASP B 10 15.86 -21.86 -1.90
N MET B 11 16.38 -20.84 -1.23
CA MET B 11 15.88 -20.42 0.08
C MET B 11 14.63 -19.55 0.01
N LYS B 12 14.40 -18.89 -1.12
CA LYS B 12 13.24 -17.99 -1.27
C LYS B 12 13.17 -16.99 -0.09
N LEU B 13 11.99 -16.82 0.50
CA LEU B 13 11.80 -15.87 1.61
C LEU B 13 12.20 -16.44 2.97
N ARG B 14 12.93 -17.54 2.95
CA ARG B 14 13.42 -18.22 4.16
C ARG B 14 14.34 -17.32 5.01
N LEU B 15 14.12 -17.31 6.32
CA LEU B 15 14.94 -16.50 7.23
C LEU B 15 16.26 -17.19 7.56
N PRO B 16 17.35 -16.41 7.64
CA PRO B 16 18.64 -16.95 8.06
C PRO B 16 18.70 -17.17 9.56
N ALA B 17 19.39 -18.23 9.98
CA ALA B 17 19.61 -18.51 11.40
C ALA B 17 20.46 -17.42 12.03
N SER B 18 21.53 -17.05 11.34
CA SER B 18 22.43 -15.98 11.75
C SER B 18 22.86 -15.18 10.53
N PRO B 19 22.81 -13.83 10.61
CA PRO B 19 23.21 -12.96 9.50
C PRO B 19 24.70 -13.05 9.16
N GLU B 20 25.53 -13.38 10.15
CA GLU B 20 26.97 -13.50 9.97
C GLU B 20 27.33 -14.71 9.10
N THR B 21 26.70 -15.84 9.38
CA THR B 21 26.91 -17.06 8.60
C THR B 21 26.22 -16.98 7.24
N HIS B 22 25.11 -16.23 7.20
CA HIS B 22 24.34 -16.00 5.97
C HIS B 22 25.14 -15.24 4.93
N LEU B 23 25.69 -14.10 5.33
CA LEU B 23 26.52 -13.26 4.48
C LEU B 23 27.80 -13.99 4.03
N ASP B 24 28.36 -14.79 4.93
CA ASP B 24 29.55 -15.60 4.66
C ASP B 24 29.28 -16.67 3.60
N MET B 25 28.12 -17.32 3.70
CA MET B 25 27.72 -18.39 2.77
C MET B 25 27.51 -17.87 1.34
N LEU B 26 26.82 -16.73 1.21
CA LEU B 26 26.60 -16.11 -0.10
C LEU B 26 27.91 -15.58 -0.68
N ARG B 27 28.78 -15.08 0.21
CA ARG B 27 30.10 -14.60 -0.17
CA ARG B 27 30.10 -14.61 -0.20
C ARG B 27 30.99 -15.73 -0.71
N HIS B 28 31.02 -16.85 0.00
CA HIS B 28 31.82 -18.00 -0.42
C HIS B 28 31.34 -18.55 -1.76
N LEU B 29 30.02 -18.57 -1.94
CA LEU B 29 29.38 -19.10 -3.15
C LEU B 29 29.60 -18.22 -4.39
N TYR B 30 29.27 -16.92 -4.26
CA TYR B 30 29.21 -16.03 -5.41
C TYR B 30 30.50 -15.26 -5.73
N GLN B 31 31.49 -15.39 -4.84
CA GLN B 31 32.81 -14.79 -5.04
C GLN B 31 33.49 -15.35 -6.28
N GLY B 32 33.73 -14.49 -7.26
CA GLY B 32 34.39 -14.88 -8.51
C GLY B 32 33.43 -15.40 -9.57
N CYS B 33 32.20 -15.73 -9.17
CA CYS B 33 31.18 -16.29 -10.04
C CYS B 33 30.71 -15.29 -11.10
N GLN B 34 30.59 -15.76 -12.33
CA GLN B 34 30.15 -14.93 -13.44
C GLN B 34 28.79 -15.40 -13.97
N VAL B 35 28.53 -16.70 -13.83
CA VAL B 35 27.27 -17.29 -14.26
C VAL B 35 26.68 -18.15 -13.16
N VAL B 36 25.46 -17.80 -12.75
CA VAL B 36 24.75 -18.55 -11.73
C VAL B 36 23.86 -19.59 -12.43
N GLN B 37 24.12 -20.86 -12.13
CA GLN B 37 23.26 -21.96 -12.59
C GLN B 37 22.16 -22.20 -11.56
N GLY B 38 21.15 -21.34 -11.61
CA GLY B 38 20.06 -21.35 -10.64
C GLY B 38 19.69 -19.94 -10.23
N ASN B 39 19.16 -19.82 -9.02
CA ASN B 39 18.61 -18.56 -8.54
C ASN B 39 19.59 -17.70 -7.74
N LEU B 40 19.59 -16.40 -8.01
CA LEU B 40 20.34 -15.44 -7.22
C LEU B 40 19.39 -14.79 -6.22
N GLU B 41 19.57 -15.16 -4.94
CA GLU B 41 18.70 -14.67 -3.88
C GLU B 41 19.51 -13.91 -2.86
N LEU B 42 19.15 -12.64 -2.68
CA LEU B 42 19.83 -11.74 -1.76
C LEU B 42 18.79 -11.21 -0.78
N THR B 43 18.79 -11.78 0.43
CA THR B 43 17.72 -11.55 1.39
C THR B 43 18.22 -11.30 2.81
N TYR B 44 17.48 -10.45 3.53
CA TYR B 44 17.72 -10.12 4.95
C TYR B 44 19.13 -9.60 5.20
N LEU B 45 19.66 -8.85 4.24
CA LEU B 45 21.03 -8.33 4.33
C LEU B 45 21.07 -6.99 5.07
N PRO B 46 21.92 -6.90 6.11
CA PRO B 46 22.06 -5.67 6.91
C PRO B 46 22.67 -4.50 6.12
N THR B 47 22.57 -3.30 6.67
CA THR B 47 23.06 -2.08 6.01
C THR B 47 24.58 -2.09 5.78
N ASN B 48 25.29 -2.78 6.66
CA ASN B 48 26.75 -2.81 6.63
C ASN B 48 27.34 -3.92 5.76
N ALA B 49 26.48 -4.67 5.08
CA ALA B 49 26.89 -5.82 4.29
C ALA B 49 27.68 -5.43 3.06
N SER B 50 28.85 -6.05 2.88
CA SER B 50 29.64 -5.89 1.67
C SER B 50 29.13 -6.86 0.62
N LEU B 51 28.74 -6.30 -0.53
CA LEU B 51 28.20 -7.09 -1.63
C LEU B 51 29.11 -7.04 -2.86
N SER B 52 30.39 -6.74 -2.63
CA SER B 52 31.38 -6.65 -3.70
C SER B 52 31.67 -8.01 -4.35
N PHE B 53 31.32 -9.09 -3.65
CA PHE B 53 31.47 -10.44 -4.19
C PHE B 53 30.51 -10.73 -5.36
N LEU B 54 29.61 -9.79 -5.64
CA LEU B 54 28.66 -9.88 -6.75
C LEU B 54 29.17 -9.21 -8.03
N GLN B 55 30.36 -8.61 -7.95
CA GLN B 55 30.88 -7.74 -9.00
C GLN B 55 31.16 -8.40 -10.36
N ASP B 56 31.22 -9.74 -10.36
CA ASP B 56 31.58 -10.49 -11.56
C ASP B 56 30.39 -11.19 -12.23
N ILE B 57 29.25 -11.21 -11.52
CA ILE B 57 28.05 -11.89 -12.01
C ILE B 57 27.53 -11.25 -13.30
N GLN B 58 27.58 -12.01 -14.38
CA GLN B 58 27.15 -11.56 -15.70
C GLN B 58 25.77 -12.09 -16.06
N GLU B 59 25.44 -13.25 -15.51
CA GLU B 59 24.25 -14.01 -15.92
C GLU B 59 23.64 -14.81 -14.78
N VAL B 60 22.30 -14.81 -14.72
CA VAL B 60 21.55 -15.69 -13.83
C VAL B 60 20.64 -16.56 -14.68
N GLN B 61 20.71 -17.87 -14.46
CA GLN B 61 19.89 -18.83 -15.20
C GLN B 61 18.45 -18.90 -14.67
N GLY B 62 18.31 -18.83 -13.35
CA GLY B 62 17.00 -18.85 -12.70
C GLY B 62 16.44 -17.45 -12.55
N TYR B 63 15.87 -17.17 -11.37
CA TYR B 63 15.35 -15.85 -11.08
C TYR B 63 16.30 -15.06 -10.17
N VAL B 64 16.06 -13.76 -10.07
CA VAL B 64 16.77 -12.90 -9.14
C VAL B 64 15.79 -12.43 -8.08
N LEU B 65 16.08 -12.74 -6.82
CA LEU B 65 15.23 -12.33 -5.70
C LEU B 65 15.98 -11.41 -4.72
N ILE B 66 15.43 -10.22 -4.54
CA ILE B 66 15.99 -9.22 -3.63
C ILE B 66 14.89 -8.81 -2.67
N ALA B 67 14.95 -9.34 -1.45
CA ALA B 67 13.85 -9.18 -0.48
C ALA B 67 14.28 -8.96 0.96
N HIS B 68 13.51 -8.14 1.67
CA HIS B 68 13.70 -7.86 3.11
C HIS B 68 15.11 -7.37 3.46
N ASN B 69 15.72 -6.62 2.56
CA ASN B 69 17.08 -6.14 2.76
C ASN B 69 17.13 -4.78 3.46
N GLN B 70 18.04 -4.67 4.42
CA GLN B 70 18.33 -3.40 5.07
C GLN B 70 19.33 -2.60 4.24
N VAL B 71 20.17 -3.33 3.50
CA VAL B 71 21.22 -2.75 2.67
C VAL B 71 20.65 -1.72 1.69
N ARG B 72 21.39 -0.62 1.52
CA ARG B 72 20.86 0.56 0.82
C ARG B 72 21.00 0.47 -0.69
N GLN B 73 22.02 -0.26 -1.15
CA GLN B 73 22.27 -0.50 -2.56
C GLN B 73 22.66 -1.95 -2.80
N VAL B 74 22.26 -2.48 -3.95
CA VAL B 74 22.72 -3.80 -4.41
C VAL B 74 23.52 -3.65 -5.72
N PRO B 75 24.86 -3.78 -5.62
CA PRO B 75 25.79 -3.57 -6.72
C PRO B 75 25.89 -4.77 -7.70
N LEU B 76 24.88 -4.88 -8.55
CA LEU B 76 24.85 -5.87 -9.62
C LEU B 76 25.11 -5.22 -10.98
N GLN B 77 26.02 -4.24 -11.01
CA GLN B 77 26.26 -3.49 -12.26
C GLN B 77 26.65 -4.36 -13.46
N ARG B 78 27.18 -5.55 -13.22
CA ARG B 78 27.66 -6.37 -14.34
C ARG B 78 26.60 -7.34 -14.88
N LEU B 79 25.48 -7.47 -14.17
CA LEU B 79 24.41 -8.39 -14.57
C LEU B 79 23.77 -7.97 -15.88
N ARG B 80 23.88 -8.83 -16.89
CA ARG B 80 23.39 -8.52 -18.24
C ARG B 80 22.14 -9.29 -18.62
N ILE B 81 22.03 -10.53 -18.17
CA ILE B 81 20.95 -11.41 -18.62
C ILE B 81 20.37 -12.32 -17.52
N VAL B 82 19.05 -12.29 -17.38
CA VAL B 82 18.32 -13.20 -16.51
C VAL B 82 17.47 -14.12 -17.40
N ARG B 83 17.79 -15.40 -17.39
CA ARG B 83 17.17 -16.36 -18.32
C ARG B 83 15.74 -16.73 -17.93
N GLY B 84 15.47 -16.80 -16.63
CA GLY B 84 14.14 -17.14 -16.13
C GLY B 84 13.81 -18.62 -16.30
N THR B 85 14.83 -19.47 -16.17
CA THR B 85 14.65 -20.92 -16.22
C THR B 85 13.82 -21.40 -15.02
N GLN B 86 14.00 -20.72 -13.89
CA GLN B 86 13.09 -20.82 -12.75
C GLN B 86 12.42 -19.47 -12.55
N LEU B 87 11.17 -19.48 -12.06
CA LEU B 87 10.44 -18.23 -11.82
C LEU B 87 9.90 -18.12 -10.38
N PHE B 88 9.82 -16.88 -9.88
CA PHE B 88 9.31 -16.57 -8.53
C PHE B 88 7.89 -15.98 -8.62
N GLU B 89 7.07 -16.26 -7.62
CA GLU B 89 5.69 -15.88 -7.64
C GLU B 89 5.05 -16.32 -8.92
N ASP B 90 5.30 -17.48 -9.37
CA ASP B 90 4.80 -18.13 -10.51
C ASP B 90 5.22 -17.59 -11.84
N ASN B 91 5.50 -16.24 -11.93
CA ASN B 91 5.68 -15.59 -13.21
C ASN B 91 6.82 -14.62 -13.37
N TYR B 92 7.66 -14.50 -12.38
CA TYR B 92 8.66 -13.42 -12.32
C TYR B 92 10.12 -13.86 -12.28
N ALA B 93 10.90 -13.29 -13.20
CA ALA B 93 12.34 -13.52 -13.27
C ALA B 93 13.12 -12.57 -12.36
N LEU B 94 12.52 -11.42 -12.07
CA LEU B 94 13.10 -10.46 -11.11
C LEU B 94 12.03 -10.07 -10.09
N ALA B 95 12.33 -10.28 -8.82
CA ALA B 95 11.43 -9.93 -7.73
C ALA B 95 12.14 -9.08 -6.67
N VAL B 96 11.64 -7.86 -6.47
CA VAL B 96 12.23 -6.91 -5.52
C VAL B 96 11.16 -6.53 -4.50
N LEU B 97 11.23 -7.18 -3.33
CA LEU B 97 10.11 -7.18 -2.37
C LEU B 97 10.47 -6.79 -0.94
N ASP B 98 9.66 -5.91 -0.35
CA ASP B 98 9.69 -5.61 1.08
C ASP B 98 11.09 -5.28 1.61
N ASN B 99 11.79 -4.43 0.89
CA ASN B 99 13.16 -4.11 1.25
C ASN B 99 13.28 -2.95 2.25
N GLY B 100 13.00 -3.26 3.51
CA GLY B 100 13.30 -2.35 4.60
C GLY B 100 12.17 -1.48 5.11
N ASP B 101 12.49 -0.30 5.62
CA ASP B 101 11.61 0.52 6.45
C ASP B 101 11.58 1.95 5.95
N PRO B 102 10.53 2.71 6.25
CA PRO B 102 10.23 3.98 5.54
C PRO B 102 11.28 4.91 6.19
N LEU B 103 11.54 5.95 5.38
CA LEU B 103 12.41 7.05 5.79
C LEU B 103 12.02 8.29 4.99
N ASN B 104 12.19 9.46 5.60
CA ASN B 104 11.92 10.72 4.92
C ASN B 104 13.07 11.15 3.99
N ASN B 105 13.01 12.39 3.48
CA ASN B 105 13.97 12.86 2.49
C ASN B 105 15.43 13.00 2.95
N THR B 106 15.69 12.79 4.24
CA THR B 106 17.04 12.96 4.81
C THR B 106 18.03 11.90 4.34
N THR B 107 19.28 12.31 4.10
CA THR B 107 20.33 11.38 3.66
C THR B 107 20.85 10.51 4.82
N PRO B 108 20.75 9.17 4.67
CA PRO B 108 21.10 8.18 5.68
C PRO B 108 22.37 8.41 6.48
N VAL B 109 22.22 8.27 7.79
CA VAL B 109 23.34 8.21 8.73
C VAL B 109 23.68 6.76 9.01
N THR B 110 24.98 6.49 9.08
CA THR B 110 25.52 5.13 9.15
C THR B 110 24.78 4.18 10.08
N GLY B 111 24.90 4.35 11.40
CA GLY B 111 24.27 3.41 12.32
C GLY B 111 22.94 3.92 12.84
N ALA B 112 22.37 4.95 12.20
CA ALA B 112 21.26 5.63 12.84
C ALA B 112 19.98 5.53 12.04
N SER B 113 20.12 5.70 10.73
CA SER B 113 18.98 5.76 9.84
C SER B 113 18.33 4.39 9.62
N PRO B 114 16.99 4.34 9.68
CA PRO B 114 16.21 3.18 9.24
C PRO B 114 16.74 2.60 7.94
N GLY B 115 16.93 1.29 7.91
CA GLY B 115 17.51 0.62 6.76
C GLY B 115 16.48 0.32 5.69
N GLY B 116 16.96 0.11 4.47
CA GLY B 116 16.11 -0.21 3.34
C GLY B 116 16.79 0.08 2.02
N LEU B 117 16.32 -0.60 0.98
CA LEU B 117 16.86 -0.41 -0.37
C LEU B 117 16.45 0.95 -0.93
N ARG B 118 17.44 1.68 -1.42
CA ARG B 118 17.23 3.00 -1.99
C ARG B 118 17.37 3.00 -3.51
N GLU B 119 18.32 2.22 -4.02
CA GLU B 119 18.50 2.08 -5.46
C GLU B 119 18.93 0.69 -5.94
N LEU B 120 18.27 0.23 -7.01
CA LEU B 120 18.65 -0.99 -7.71
C LEU B 120 19.63 -0.61 -8.80
N GLN B 121 20.86 -1.09 -8.67
CA GLN B 121 21.92 -0.72 -9.60
C GLN B 121 22.11 -1.81 -10.66
N LEU B 122 21.27 -1.73 -11.70
CA LEU B 122 21.23 -2.75 -12.75
C LEU B 122 21.52 -2.13 -14.12
N ARG B 123 22.65 -1.43 -14.21
CA ARG B 123 23.00 -0.64 -15.39
C ARG B 123 23.27 -1.46 -16.64
N SER B 124 23.77 -2.69 -16.47
CA SER B 124 24.16 -3.53 -17.61
C SER B 124 23.06 -4.48 -18.10
N LEU B 125 21.91 -4.47 -17.43
CA LEU B 125 20.81 -5.38 -17.74
C LEU B 125 20.13 -5.03 -19.08
N THR B 126 20.18 -5.96 -20.03
CA THR B 126 19.62 -5.75 -21.37
C THR B 126 18.65 -6.85 -21.82
N GLU B 127 18.68 -8.00 -21.15
CA GLU B 127 17.84 -9.15 -21.53
C GLU B 127 17.19 -9.89 -20.35
N ILE B 128 15.87 -10.05 -20.43
CA ILE B 128 15.14 -11.00 -19.58
C ILE B 128 14.43 -11.98 -20.51
N LEU B 129 14.92 -13.22 -20.55
CA LEU B 129 14.48 -14.20 -21.55
C LEU B 129 13.07 -14.73 -21.31
N LYS B 130 12.76 -15.01 -20.04
CA LYS B 130 11.45 -15.51 -19.64
CA LYS B 130 11.44 -15.48 -19.64
C LYS B 130 11.10 -14.94 -18.26
N GLY B 131 9.84 -14.54 -18.09
CA GLY B 131 9.38 -14.00 -16.80
C GLY B 131 9.29 -12.49 -16.75
N GLY B 132 8.56 -11.99 -15.75
CA GLY B 132 8.34 -10.55 -15.61
C GLY B 132 9.18 -9.86 -14.56
N VAL B 133 8.80 -8.63 -14.24
CA VAL B 133 9.47 -7.84 -13.21
C VAL B 133 8.46 -7.47 -12.13
N LEU B 134 8.77 -7.87 -10.91
CA LEU B 134 7.93 -7.62 -9.76
C LEU B 134 8.69 -6.74 -8.78
N ILE B 135 8.20 -5.52 -8.57
CA ILE B 135 8.80 -4.58 -7.63
C ILE B 135 7.70 -4.05 -6.72
N GLN B 136 7.71 -4.50 -5.47
CA GLN B 136 6.63 -4.19 -4.54
C GLN B 136 7.13 -3.90 -3.12
N ARG B 137 6.61 -2.81 -2.54
CA ARG B 137 6.76 -2.49 -1.13
C ARG B 137 8.20 -2.19 -0.69
N ASN B 138 8.82 -1.25 -1.38
CA ASN B 138 10.17 -0.80 -1.06
C ASN B 138 10.14 0.70 -0.75
N PRO B 139 10.06 1.05 0.57
CA PRO B 139 9.78 2.41 1.03
C PRO B 139 10.75 3.47 0.51
N GLN B 140 12.04 3.13 0.46
CA GLN B 140 13.09 4.11 0.15
C GLN B 140 13.57 4.03 -1.30
N LEU B 141 13.00 3.11 -2.06
CA LEU B 141 13.47 2.84 -3.42
C LEU B 141 13.02 3.88 -4.44
N CYS B 142 13.97 4.36 -5.23
CA CYS B 142 13.71 5.30 -6.30
C CYS B 142 14.16 4.77 -7.66
N TYR B 143 13.65 5.40 -8.72
CA TYR B 143 14.13 5.22 -10.10
C TYR B 143 13.64 3.98 -10.88
N GLN B 144 12.81 3.14 -10.25
CA GLN B 144 12.21 1.99 -10.95
C GLN B 144 11.28 2.47 -12.05
N ASP B 145 10.50 3.50 -11.73
CA ASP B 145 9.51 4.07 -12.64
C ASP B 145 10.12 4.99 -13.71
N THR B 146 11.45 5.06 -13.75
CA THR B 146 12.13 5.75 -14.85
C THR B 146 12.68 4.72 -15.85
N ILE B 147 12.70 3.45 -15.42
CA ILE B 147 13.29 2.37 -16.23
C ILE B 147 12.32 1.82 -17.26
N LEU B 148 12.82 1.64 -18.48
CA LEU B 148 12.05 1.10 -19.59
C LEU B 148 12.13 -0.42 -19.61
N TRP B 149 11.31 -1.04 -18.76
CA TRP B 149 11.33 -2.48 -18.53
C TRP B 149 10.98 -3.31 -19.75
N LYS B 150 10.05 -2.81 -20.57
CA LYS B 150 9.62 -3.53 -21.77
C LYS B 150 10.72 -3.66 -22.84
N ASP B 151 11.74 -2.81 -22.73
CA ASP B 151 12.91 -2.89 -23.60
C ASP B 151 13.81 -4.07 -23.22
N ILE B 152 13.82 -4.39 -21.92
CA ILE B 152 14.73 -5.40 -21.39
C ILE B 152 14.24 -6.82 -21.68
N PHE B 153 12.94 -7.02 -21.78
CA PHE B 153 12.36 -8.33 -22.10
C PHE B 153 12.72 -8.78 -23.52
N HIS B 154 13.02 -10.07 -23.65
CA HIS B 154 13.27 -10.69 -24.95
C HIS B 154 11.96 -10.75 -25.75
N LYS B 155 12.07 -10.71 -27.07
CA LYS B 155 10.91 -10.70 -27.97
C LYS B 155 10.00 -11.91 -27.76
N ASN B 156 10.59 -13.08 -27.51
CA ASN B 156 9.85 -14.34 -27.32
C ASN B 156 9.32 -14.57 -25.91
N ASN B 157 9.63 -13.65 -24.99
CA ASN B 157 9.16 -13.73 -23.62
C ASN B 157 7.64 -13.69 -23.55
N GLN B 158 7.05 -14.84 -23.21
CA GLN B 158 5.59 -14.98 -23.14
C GLN B 158 5.03 -14.44 -21.83
N LEU B 159 5.93 -14.15 -20.89
CA LEU B 159 5.53 -13.65 -19.58
C LEU B 159 6.15 -12.30 -19.27
N ALA B 160 6.18 -11.42 -20.26
CA ALA B 160 6.79 -10.09 -20.13
C ALA B 160 5.96 -9.14 -19.27
N LEU B 161 5.74 -9.52 -18.02
CA LEU B 161 4.87 -8.78 -17.10
C LEU B 161 5.62 -7.67 -16.37
N THR B 162 4.87 -6.60 -16.08
CA THR B 162 5.36 -5.50 -15.27
C THR B 162 4.35 -5.21 -14.17
N LEU B 163 4.75 -5.46 -12.92
CA LEU B 163 3.95 -5.16 -11.75
C LEU B 163 4.83 -4.37 -10.79
N ILE B 164 4.85 -3.06 -10.97
CA ILE B 164 5.79 -2.21 -10.26
C ILE B 164 5.10 -1.17 -9.36
N ASP B 165 5.43 -1.25 -8.08
CA ASP B 165 4.94 -0.35 -7.05
C ASP B 165 5.88 0.86 -6.97
N THR B 166 5.30 2.06 -7.03
CA THR B 166 6.07 3.30 -7.01
C THR B 166 5.86 4.12 -5.72
N ASN B 167 5.10 3.55 -4.78
CA ASN B 167 4.87 4.17 -3.47
C ASN B 167 6.18 4.35 -2.68
N ARG B 168 6.31 5.50 -2.02
CA ARG B 168 7.56 5.89 -1.34
C ARG B 168 7.34 6.70 -0.06
N SER B 169 8.27 6.55 0.88
CA SER B 169 8.29 7.35 2.09
C SER B 169 9.15 8.61 1.91
N ARG B 170 10.01 8.59 0.89
CA ARG B 170 10.90 9.71 0.58
C ARG B 170 10.72 10.18 -0.87
N ALA B 171 11.08 11.44 -1.13
CA ALA B 171 11.03 11.98 -2.49
C ALA B 171 12.31 11.68 -3.26
N CYS B 172 12.16 11.37 -4.55
CA CYS B 172 13.30 11.06 -5.40
C CYS B 172 13.92 12.30 -6.00
N HIS B 173 15.24 12.43 -5.82
CA HIS B 173 15.99 13.51 -6.46
C HIS B 173 16.16 13.19 -7.94
N PRO B 174 15.94 14.20 -8.81
CA PRO B 174 16.12 14.09 -10.25
C PRO B 174 17.50 13.52 -10.59
N CYS B 175 17.58 12.75 -11.68
CA CYS B 175 18.83 12.09 -12.06
C CYS B 175 19.97 13.08 -12.31
N SER B 176 21.19 12.55 -12.38
CA SER B 176 22.32 13.31 -12.91
C SER B 176 21.96 13.73 -14.33
N PRO B 177 22.28 14.99 -14.72
CA PRO B 177 21.98 15.47 -16.06
C PRO B 177 22.73 14.69 -17.15
N MET B 178 23.71 13.91 -16.71
CA MET B 178 24.54 13.10 -17.61
C MET B 178 23.82 11.85 -18.12
N CYS B 179 22.60 11.64 -17.66
CA CYS B 179 21.79 10.49 -18.09
C CYS B 179 20.70 10.92 -19.07
N ARG B 183 16.21 7.88 -17.52
CA ARG B 183 16.48 6.48 -17.28
C ARG B 183 17.75 6.30 -16.45
N CYS B 184 17.67 6.56 -15.15
CA CYS B 184 18.80 6.30 -14.26
C CYS B 184 18.42 5.31 -13.17
N TRP B 185 19.40 4.56 -12.69
CA TRP B 185 19.19 3.56 -11.64
C TRP B 185 19.49 4.14 -10.26
N GLY B 186 20.27 5.21 -10.24
CA GLY B 186 20.65 5.92 -9.03
C GLY B 186 21.02 7.35 -9.36
N GLU B 187 21.26 8.15 -8.33
CA GLU B 187 21.47 9.60 -8.52
C GLU B 187 22.90 10.02 -8.90
N SER B 188 23.74 9.05 -9.23
CA SER B 188 25.11 9.31 -9.67
C SER B 188 25.26 9.31 -11.19
N SER B 189 26.39 9.82 -11.67
CA SER B 189 26.72 9.87 -13.10
C SER B 189 26.92 8.47 -13.68
N GLU B 190 27.31 7.53 -12.82
CA GLU B 190 27.63 6.17 -13.20
C GLU B 190 26.40 5.25 -13.23
N ASP B 191 25.22 5.83 -13.04
CA ASP B 191 24.00 5.05 -12.81
C ASP B 191 22.92 5.18 -13.89
N CYS B 192 23.30 5.70 -15.06
CA CYS B 192 22.37 5.84 -16.19
C CYS B 192 22.08 4.48 -16.83
N GLN B 193 20.87 4.31 -17.34
CA GLN B 193 20.51 3.07 -18.06
C GLN B 193 21.08 3.09 -19.47
N GLN C 3 -4.03 -31.83 3.39
CA GLN C 3 -5.31 -32.32 2.77
C GLN C 3 -6.14 -31.17 2.21
N PRO C 4 -5.59 -30.47 1.19
CA PRO C 4 -6.25 -29.31 0.58
C PRO C 4 -6.99 -29.60 -0.76
N ALA C 5 -7.52 -30.82 -0.91
CA ALA C 5 -8.12 -31.28 -2.18
C ALA C 5 -9.24 -30.42 -2.76
N ASP C 6 -9.32 -30.38 -4.09
CA ASP C 6 -10.32 -29.58 -4.83
C ASP C 6 -11.73 -30.00 -4.49
N ILE C 7 -12.59 -29.02 -4.26
CA ILE C 7 -13.97 -29.27 -3.94
C ILE C 7 -14.81 -29.44 -5.20
N VAL C 8 -15.57 -30.52 -5.25
CA VAL C 8 -16.48 -30.80 -6.34
C VAL C 8 -17.92 -30.52 -5.91
N LEU C 9 -18.61 -29.70 -6.68
CA LEU C 9 -20.02 -29.38 -6.44
C LEU C 9 -20.90 -30.08 -7.46
N THR C 10 -21.80 -30.93 -6.98
CA THR C 10 -22.68 -31.73 -7.84
C THR C 10 -24.10 -31.16 -7.83
N GLN C 11 -24.54 -30.66 -8.98
CA GLN C 11 -25.86 -30.04 -9.10
C GLN C 11 -26.90 -30.90 -9.78
N THR C 12 -28.09 -30.89 -9.19
CA THR C 12 -29.19 -31.75 -9.58
C THR C 12 -30.52 -30.99 -9.52
N PRO C 13 -31.36 -31.12 -10.56
CA PRO C 13 -31.09 -31.77 -11.85
C PRO C 13 -30.35 -30.83 -12.79
N SER C 14 -29.67 -31.35 -13.81
CA SER C 14 -28.89 -30.48 -14.70
C SER C 14 -29.80 -29.67 -15.63
N SER C 15 -31.02 -30.16 -15.83
CA SER C 15 -32.05 -29.40 -16.54
C SER C 15 -33.40 -29.63 -15.86
N LEU C 16 -34.20 -28.58 -15.72
CA LEU C 16 -35.51 -28.69 -15.09
C LEU C 16 -36.62 -27.95 -15.85
N PRO C 17 -37.44 -28.69 -16.62
CA PRO C 17 -38.62 -28.12 -17.29
C PRO C 17 -39.64 -27.58 -16.30
N VAL C 18 -40.07 -26.33 -16.50
CA VAL C 18 -41.01 -25.68 -15.58
C VAL C 18 -42.15 -24.97 -16.32
N SER C 19 -43.24 -24.74 -15.59
CA SER C 19 -44.29 -23.82 -16.01
C SER C 19 -44.35 -22.67 -15.01
N VAL C 20 -44.87 -21.53 -15.45
CA VAL C 20 -45.03 -20.35 -14.60
C VAL C 20 -45.93 -20.68 -13.39
N GLY C 21 -45.50 -20.28 -12.20
CA GLY C 21 -46.27 -20.49 -10.98
C GLY C 21 -45.89 -21.74 -10.19
N GLU C 22 -45.00 -22.55 -10.75
CA GLU C 22 -44.57 -23.80 -10.11
C GLU C 22 -43.49 -23.57 -9.05
N LYS C 23 -43.54 -24.38 -8.00
CA LYS C 23 -42.48 -24.42 -6.99
C LYS C 23 -41.35 -25.33 -7.48
N VAL C 24 -40.12 -24.86 -7.39
CA VAL C 24 -38.98 -25.62 -7.89
C VAL C 24 -37.83 -25.70 -6.87
N THR C 25 -37.16 -26.85 -6.84
CA THR C 25 -36.03 -27.07 -5.94
C THR C 25 -34.84 -27.67 -6.69
N MET C 26 -33.70 -27.00 -6.61
CA MET C 26 -32.45 -27.51 -7.18
C MET C 26 -31.41 -27.77 -6.10
N THR C 27 -30.65 -28.85 -6.27
CA THR C 27 -29.76 -29.38 -5.26
C THR C 27 -28.29 -29.11 -5.61
N CYS C 28 -27.50 -28.77 -4.60
CA CYS C 28 -26.06 -28.60 -4.75
C CYS C 28 -25.36 -29.38 -3.63
N LYS C 29 -24.62 -30.42 -4.02
CA LYS C 29 -23.93 -31.27 -3.05
C LYS C 29 -22.42 -31.13 -3.15
N SER C 30 -21.78 -30.98 -2.00
CA SER C 30 -20.34 -30.71 -1.92
C SER C 30 -19.54 -31.94 -1.45
N SER C 31 -18.34 -32.10 -2.01
CA SER C 31 -17.43 -33.17 -1.63
C SER C 31 -16.73 -32.89 -0.29
N GLN C 32 -16.80 -31.64 0.17
CA GLN C 32 -16.25 -31.21 1.46
C GLN C 32 -17.24 -30.31 2.16
N THR C 33 -17.23 -30.32 3.48
CA THR C 33 -18.06 -29.38 4.25
C THR C 33 -17.65 -27.95 3.94
N LEU C 34 -18.64 -27.08 3.80
CA LEU C 34 -18.40 -25.67 3.53
C LEU C 34 -18.64 -24.83 4.78
N LEU C 35 -19.01 -25.51 5.86
CA LEU C 35 -19.24 -24.88 7.15
C LEU C 35 -17.91 -24.59 7.85
N TYR C 36 -17.71 -23.32 8.21
CA TYR C 36 -16.53 -22.88 8.93
C TYR C 36 -16.87 -22.85 10.41
N SER C 37 -16.14 -23.63 11.21
CA SER C 37 -16.56 -23.83 12.60
C SER C 37 -16.36 -22.62 13.51
N ASN C 38 -15.48 -21.72 13.10
CA ASN C 38 -15.22 -20.50 13.86
C ASN C 38 -16.37 -19.50 13.85
N ASN C 39 -17.04 -19.38 12.70
CA ASN C 39 -18.16 -18.43 12.55
C ASN C 39 -19.50 -19.08 12.19
N GLN C 40 -19.51 -20.41 12.10
CA GLN C 40 -20.70 -21.20 11.75
C GLN C 40 -21.38 -20.74 10.44
N LYS C 41 -20.56 -20.26 9.51
CA LYS C 41 -21.04 -19.83 8.20
C LYS C 41 -20.72 -20.85 7.12
N ASN C 42 -21.66 -21.04 6.21
CA ASN C 42 -21.46 -21.90 5.04
C ASN C 42 -21.00 -21.06 3.86
N TYR C 43 -19.82 -21.39 3.34
CA TYR C 43 -19.18 -20.61 2.27
C TYR C 43 -19.69 -21.03 0.88
N LEU C 44 -20.99 -20.85 0.66
CA LEU C 44 -21.65 -21.27 -0.57
C LEU C 44 -22.52 -20.12 -1.10
N ALA C 45 -22.44 -19.89 -2.40
CA ALA C 45 -23.23 -18.86 -3.07
C ALA C 45 -23.99 -19.42 -4.27
N TRP C 46 -25.08 -18.77 -4.64
CA TRP C 46 -25.81 -19.11 -5.86
C TRP C 46 -25.73 -17.95 -6.85
N TYR C 47 -25.60 -18.29 -8.14
CA TYR C 47 -25.55 -17.30 -9.20
C TYR C 47 -26.57 -17.61 -10.30
N GLN C 48 -27.13 -16.55 -10.88
CA GLN C 48 -28.10 -16.66 -11.96
C GLN C 48 -27.53 -16.03 -13.23
N GLN C 49 -27.53 -16.79 -14.32
CA GLN C 49 -27.15 -16.25 -15.62
C GLN C 49 -28.28 -16.43 -16.64
N LYS C 50 -28.93 -15.32 -16.97
CA LYS C 50 -29.96 -15.28 -18.00
C LYS C 50 -29.29 -15.26 -19.37
N PRO C 51 -29.95 -15.80 -20.41
CA PRO C 51 -29.38 -15.82 -21.77
C PRO C 51 -28.98 -14.43 -22.27
N GLY C 52 -27.72 -14.29 -22.66
CA GLY C 52 -27.18 -13.03 -23.19
C GLY C 52 -26.63 -12.09 -22.13
N GLN C 53 -26.80 -12.46 -20.87
CA GLN C 53 -26.41 -11.61 -19.75
C GLN C 53 -25.29 -12.24 -18.91
N SER C 54 -24.55 -11.38 -18.21
CA SER C 54 -23.53 -11.82 -17.25
C SER C 54 -24.20 -12.34 -15.97
N PRO C 55 -23.55 -13.28 -15.27
CA PRO C 55 -24.10 -13.83 -14.03
C PRO C 55 -24.32 -12.75 -12.96
N LYS C 56 -25.34 -12.96 -12.13
CA LYS C 56 -25.63 -12.05 -11.03
C LYS C 56 -25.80 -12.82 -9.73
N LEU C 57 -25.26 -12.27 -8.64
CA LEU C 57 -25.37 -12.89 -7.33
C LEU C 57 -26.82 -12.87 -6.85
N LEU C 58 -27.29 -14.03 -6.41
CA LEU C 58 -28.61 -14.15 -5.80
C LEU C 58 -28.46 -14.27 -4.28
N ILE C 59 -27.64 -15.23 -3.86
CA ILE C 59 -27.48 -15.60 -2.46
C ILE C 59 -26.02 -15.90 -2.16
N SER C 60 -25.53 -15.36 -1.05
CA SER C 60 -24.26 -15.79 -0.47
C SER C 60 -24.55 -16.29 0.95
N TRP C 61 -23.62 -17.02 1.55
CA TRP C 61 -23.72 -17.48 2.91
C TRP C 61 -24.73 -18.57 3.11
N ALA C 62 -24.95 -19.37 2.11
CA ALA C 62 -26.00 -20.40 2.03
C ALA C 62 -27.37 -19.76 2.00
N PHE C 63 -27.69 -18.72 2.72
CA PHE C 63 -29.07 -18.29 2.67
C PHE C 63 -29.32 -16.82 2.67
N THR C 64 -28.30 -16.07 2.60
CA THR C 64 -28.41 -14.61 2.56
C THR C 64 -28.51 -14.05 1.13
N ARG C 65 -29.68 -13.51 0.80
CA ARG C 65 -29.92 -12.92 -0.51
C ARG C 65 -29.23 -11.57 -0.67
N LYS C 66 -28.75 -11.31 -1.88
CA LYS C 66 -28.22 -10.00 -2.21
C LYS C 66 -29.37 -8.99 -2.20
N SER C 67 -29.06 -7.74 -1.86
CA SER C 67 -30.05 -6.68 -1.77
C SER C 67 -30.83 -6.56 -3.09
N GLY C 68 -32.16 -6.62 -2.99
CA GLY C 68 -33.04 -6.49 -4.15
C GLY C 68 -33.59 -7.79 -4.71
N VAL C 69 -32.94 -8.90 -4.37
CA VAL C 69 -33.35 -10.22 -4.85
C VAL C 69 -34.68 -10.66 -4.20
N PRO C 70 -35.68 -11.04 -5.04
CA PRO C 70 -37.02 -11.46 -4.61
C PRO C 70 -36.99 -12.55 -3.54
N ASP C 71 -37.89 -12.44 -2.57
CA ASP C 71 -37.96 -13.40 -1.46
C ASP C 71 -38.53 -14.77 -1.86
N ARG C 72 -38.84 -14.93 -3.14
CA ARG C 72 -39.28 -16.22 -3.67
C ARG C 72 -38.08 -17.16 -3.89
N PHE C 73 -36.90 -16.59 -3.99
CA PHE C 73 -35.64 -17.34 -4.05
C PHE C 73 -35.17 -17.64 -2.63
N THR C 74 -35.07 -18.91 -2.28
CA THR C 74 -34.69 -19.31 -0.92
C THR C 74 -33.54 -20.32 -0.92
N GLY C 75 -32.45 -19.95 -0.28
CA GLY C 75 -31.31 -20.85 -0.10
C GLY C 75 -31.36 -21.53 1.26
N SER C 76 -31.14 -22.84 1.28
CA SER C 76 -31.12 -23.59 2.53
C SER C 76 -30.08 -24.71 2.49
N GLY C 77 -29.86 -25.34 3.64
CA GLY C 77 -28.91 -26.44 3.76
C GLY C 77 -27.71 -26.08 4.59
N SER C 78 -26.83 -27.07 4.81
CA SER C 78 -25.65 -26.90 5.64
C SER C 78 -24.60 -27.96 5.32
N GLY C 79 -23.34 -27.64 5.59
CA GLY C 79 -22.24 -28.59 5.47
C GLY C 79 -21.92 -28.98 4.04
N THR C 80 -22.52 -30.09 3.59
CA THR C 80 -22.31 -30.60 2.24
C THR C 80 -23.57 -30.56 1.39
N ASP C 81 -24.72 -30.38 2.04
CA ASP C 81 -26.02 -30.44 1.36
C ASP C 81 -26.68 -29.06 1.29
N PHE C 82 -27.00 -28.64 0.07
CA PHE C 82 -27.58 -27.31 -0.16
C PHE C 82 -28.67 -27.34 -1.22
N THR C 83 -29.67 -26.48 -1.05
CA THR C 83 -30.76 -26.35 -2.01
C THR C 83 -31.10 -24.90 -2.33
N LEU C 84 -31.60 -24.67 -3.54
CA LEU C 84 -32.21 -23.41 -3.92
C LEU C 84 -33.66 -23.67 -4.34
N THR C 85 -34.59 -22.96 -3.69
CA THR C 85 -36.01 -23.11 -3.98
C THR C 85 -36.58 -21.80 -4.51
N ILE C 86 -37.37 -21.90 -5.58
CA ILE C 86 -38.18 -20.78 -6.05
C ILE C 86 -39.64 -21.08 -5.74
N GLY C 87 -40.23 -20.27 -4.87
CA GLY C 87 -41.59 -20.49 -4.39
C GLY C 87 -42.61 -20.58 -5.50
N SER C 88 -42.66 -19.54 -6.33
CA SER C 88 -43.53 -19.50 -7.50
C SER C 88 -42.74 -18.90 -8.65
N VAL C 89 -42.34 -19.75 -9.60
CA VAL C 89 -41.46 -19.32 -10.69
C VAL C 89 -42.11 -18.31 -11.62
N LYS C 90 -41.35 -17.27 -11.95
CA LYS C 90 -41.77 -16.27 -12.91
C LYS C 90 -41.10 -16.54 -14.26
N ALA C 91 -41.60 -15.88 -15.29
CA ALA C 91 -41.02 -15.99 -16.62
C ALA C 91 -39.58 -15.45 -16.65
N GLU C 92 -39.31 -14.44 -15.82
CA GLU C 92 -37.98 -13.84 -15.70
C GLU C 92 -36.94 -14.73 -15.04
N ASP C 93 -37.41 -15.76 -14.33
CA ASP C 93 -36.54 -16.68 -13.61
C ASP C 93 -35.88 -17.73 -14.52
N LEU C 94 -36.29 -17.77 -15.79
CA LEU C 94 -35.75 -18.73 -16.75
C LEU C 94 -34.28 -18.44 -17.07
N ALA C 95 -33.42 -19.25 -16.48
CA ALA C 95 -31.97 -19.04 -16.55
C ALA C 95 -31.27 -20.29 -16.06
N VAL C 96 -29.93 -20.25 -16.08
CA VAL C 96 -29.13 -21.30 -15.47
C VAL C 96 -28.72 -20.82 -14.08
N TYR C 97 -28.82 -21.73 -13.10
CA TYR C 97 -28.44 -21.41 -11.73
C TYR C 97 -27.24 -22.24 -11.30
N TYR C 98 -26.19 -21.54 -10.89
CA TYR C 98 -24.95 -22.16 -10.47
C TYR C 98 -24.71 -21.97 -8.98
N CYS C 99 -24.42 -23.06 -8.28
CA CYS C 99 -23.92 -22.96 -6.92
C CYS C 99 -22.40 -22.83 -6.99
N GLN C 100 -21.81 -22.22 -5.97
CA GLN C 100 -20.39 -21.87 -6.01
C GLN C 100 -19.82 -21.86 -4.60
N GLN C 101 -18.62 -22.43 -4.43
CA GLN C 101 -17.97 -22.45 -3.12
C GLN C 101 -16.74 -21.53 -3.07
N TYR C 102 -16.59 -20.84 -1.95
CA TYR C 102 -15.46 -19.94 -1.70
C TYR C 102 -14.79 -20.28 -0.38
N SER C 103 -14.81 -21.56 -0.05
CA SER C 103 -14.27 -22.10 1.19
C SER C 103 -12.78 -22.45 1.04
N ASN C 104 -12.44 -23.05 -0.10
CA ASN C 104 -11.08 -23.50 -0.37
C ASN C 104 -10.66 -23.28 -1.82
N TYR C 105 -9.35 -23.12 -2.02
CA TYR C 105 -8.78 -23.02 -3.36
C TYR C 105 -8.68 -24.37 -4.03
N PRO C 106 -9.00 -24.44 -5.34
CA PRO C 106 -9.56 -23.32 -6.09
C PRO C 106 -11.06 -23.19 -5.84
N TRP C 107 -11.57 -21.96 -5.95
CA TRP C 107 -13.01 -21.72 -5.90
C TRP C 107 -13.63 -22.42 -7.11
N THR C 108 -14.74 -23.12 -6.88
CA THR C 108 -15.36 -23.93 -7.93
C THR C 108 -16.87 -23.68 -8.05
N PHE C 109 -17.40 -24.04 -9.22
CA PHE C 109 -18.82 -23.90 -9.51
C PHE C 109 -19.45 -25.29 -9.69
N GLY C 110 -20.75 -25.38 -9.48
CA GLY C 110 -21.49 -26.59 -9.81
C GLY C 110 -21.79 -26.62 -11.31
N GLY C 111 -22.21 -27.78 -11.80
CA GLY C 111 -22.53 -27.96 -13.23
C GLY C 111 -23.74 -27.17 -13.71
N GLY C 112 -24.49 -26.59 -12.77
CA GLY C 112 -25.62 -25.74 -13.11
C GLY C 112 -26.93 -26.47 -13.30
N THR C 113 -28.03 -25.79 -13.00
CA THR C 113 -29.38 -26.29 -13.26
C THR C 113 -30.07 -25.36 -14.24
N ARG C 114 -30.37 -25.88 -15.44
CA ARG C 114 -31.00 -25.09 -16.49
C ARG C 114 -32.52 -25.13 -16.36
N LEU C 115 -33.11 -23.97 -16.10
CA LEU C 115 -34.55 -23.83 -15.92
C LEU C 115 -35.18 -23.40 -17.24
N GLU C 116 -36.11 -24.19 -17.74
CA GLU C 116 -36.72 -23.92 -19.05
C GLU C 116 -38.24 -24.13 -19.09
N ILE C 117 -38.90 -23.34 -19.93
CA ILE C 117 -40.34 -23.42 -20.12
C ILE C 117 -40.74 -24.65 -20.93
N GLU C 140 -23.68 1.94 -9.90
CA GLU C 140 -22.80 2.36 -8.81
C GLU C 140 -21.53 1.52 -8.83
N VAL C 141 -21.55 0.31 -8.28
CA VAL C 141 -20.42 -0.61 -8.48
C VAL C 141 -20.47 -1.06 -9.94
N GLN C 142 -19.40 -0.78 -10.67
CA GLN C 142 -19.32 -1.14 -12.08
C GLN C 142 -17.93 -1.68 -12.43
N LEU C 143 -17.91 -2.70 -13.29
CA LEU C 143 -16.67 -3.28 -13.81
C LEU C 143 -16.70 -3.31 -15.33
N GLN C 144 -15.98 -2.37 -15.95
CA GLN C 144 -15.97 -2.22 -17.40
C GLN C 144 -14.78 -2.94 -18.04
N GLN C 145 -15.08 -4.01 -18.76
CA GLN C 145 -14.06 -4.81 -19.44
C GLN C 145 -13.82 -4.35 -20.87
N SER C 146 -12.60 -4.57 -21.36
CA SER C 146 -12.23 -4.22 -22.73
C SER C 146 -12.99 -5.06 -23.77
N GLY C 147 -13.02 -4.56 -25.01
CA GLY C 147 -13.79 -5.16 -26.09
C GLY C 147 -13.33 -6.54 -26.54
N PRO C 148 -14.11 -7.18 -27.44
CA PRO C 148 -13.85 -8.53 -27.95
C PRO C 148 -12.48 -8.67 -28.62
N GLU C 149 -11.90 -9.85 -28.50
CA GLU C 149 -10.57 -10.13 -29.05
C GLU C 149 -10.61 -11.31 -30.01
N VAL C 150 -10.24 -11.03 -31.27
CA VAL C 150 -10.13 -12.06 -32.28
C VAL C 150 -8.65 -12.24 -32.61
N VAL C 151 -8.08 -13.37 -32.19
CA VAL C 151 -6.65 -13.61 -32.32
C VAL C 151 -6.30 -14.97 -32.93
N LYS C 152 -5.03 -15.12 -33.31
CA LYS C 152 -4.52 -16.35 -33.92
C LYS C 152 -3.96 -17.32 -32.87
N THR C 153 -3.73 -18.56 -33.29
CA THR C 153 -3.15 -19.59 -32.43
C THR C 153 -1.67 -19.26 -32.14
N GLY C 154 -1.34 -19.24 -30.85
CA GLY C 154 0.02 -18.95 -30.41
C GLY C 154 0.21 -17.51 -29.94
N ALA C 155 -0.79 -16.67 -30.23
CA ALA C 155 -0.75 -15.25 -29.86
C ALA C 155 -1.12 -15.04 -28.38
N SER C 156 -1.02 -13.79 -27.94
CA SER C 156 -1.38 -13.42 -26.56
C SER C 156 -2.51 -12.39 -26.54
N VAL C 157 -3.14 -12.24 -25.38
CA VAL C 157 -4.19 -11.26 -25.16
C VAL C 157 -4.17 -10.70 -23.73
N LYS C 158 -4.40 -9.38 -23.60
CA LYS C 158 -4.40 -8.72 -22.30
C LYS C 158 -5.75 -8.04 -22.04
N ILE C 159 -6.60 -8.71 -21.29
CA ILE C 159 -7.92 -8.20 -20.95
C ILE C 159 -7.85 -7.23 -19.77
N SER C 160 -8.45 -6.05 -19.94
CA SER C 160 -8.50 -5.06 -18.87
C SER C 160 -9.86 -5.08 -18.15
N CYS C 161 -9.85 -4.66 -16.89
CA CYS C 161 -11.06 -4.58 -16.08
C CYS C 161 -11.04 -3.30 -15.25
N LYS C 162 -11.78 -2.29 -15.71
CA LYS C 162 -11.85 -0.99 -15.06
C LYS C 162 -12.93 -0.95 -13.98
N ALA C 163 -12.52 -0.66 -12.75
CA ALA C 163 -13.44 -0.60 -11.61
C ALA C 163 -13.86 0.84 -11.30
N SER C 164 -15.13 0.99 -10.92
CA SER C 164 -15.67 2.29 -10.52
C SER C 164 -16.80 2.15 -9.49
N GLY C 165 -16.97 3.19 -8.67
CA GLY C 165 -18.07 3.25 -7.71
C GLY C 165 -17.75 2.66 -6.35
N TYR C 166 -16.48 2.32 -6.13
CA TYR C 166 -16.03 1.77 -4.85
C TYR C 166 -14.52 1.92 -4.67
N SER C 167 -14.06 1.76 -3.43
CA SER C 167 -12.63 1.78 -3.12
C SER C 167 -11.95 0.54 -3.69
N PHE C 168 -11.14 0.74 -4.74
CA PHE C 168 -10.54 -0.35 -5.50
C PHE C 168 -9.64 -1.29 -4.69
N THR C 169 -8.80 -0.72 -3.83
CA THR C 169 -7.83 -1.49 -3.04
C THR C 169 -8.43 -2.30 -1.90
N GLY C 170 -9.69 -2.03 -1.58
CA GLY C 170 -10.39 -2.80 -0.54
C GLY C 170 -10.94 -4.14 -0.99
N TYR C 171 -10.81 -4.46 -2.27
CA TYR C 171 -11.45 -5.63 -2.86
C TYR C 171 -10.52 -6.49 -3.72
N PHE C 172 -10.97 -7.73 -3.98
CA PHE C 172 -10.26 -8.66 -4.85
C PHE C 172 -10.85 -8.64 -6.25
N ILE C 173 -10.03 -8.97 -7.24
CA ILE C 173 -10.53 -9.19 -8.59
C ILE C 173 -10.34 -10.66 -8.96
N ASN C 174 -11.46 -11.35 -9.14
CA ASN C 174 -11.50 -12.74 -9.58
C ASN C 174 -11.68 -12.79 -11.10
N TRP C 175 -11.04 -13.75 -11.76
CA TRP C 175 -11.23 -13.94 -13.20
C TRP C 175 -11.89 -15.28 -13.48
N VAL C 176 -12.88 -15.27 -14.35
CA VAL C 176 -13.70 -16.45 -14.61
C VAL C 176 -13.85 -16.74 -16.10
N LYS C 177 -13.72 -18.01 -16.46
CA LYS C 177 -13.86 -18.47 -17.83
C LYS C 177 -15.24 -19.09 -18.04
N LYS C 178 -15.94 -18.67 -19.10
CA LYS C 178 -17.27 -19.19 -19.39
C LYS C 178 -17.41 -19.61 -20.85
N ASN C 179 -17.66 -20.89 -21.06
CA ASN C 179 -17.98 -21.38 -22.38
C ASN C 179 -19.46 -21.61 -22.52
N SER C 180 -19.92 -21.59 -23.76
CA SER C 180 -21.27 -21.99 -24.09
C SER C 180 -21.46 -23.44 -23.66
N GLY C 181 -22.50 -23.69 -22.87
CA GLY C 181 -22.86 -25.05 -22.50
C GLY C 181 -21.91 -25.76 -21.53
N LYS C 182 -21.08 -24.97 -20.86
CA LYS C 182 -20.22 -25.46 -19.77
C LYS C 182 -20.36 -24.54 -18.56
N SER C 183 -20.10 -25.08 -17.37
CA SER C 183 -20.14 -24.28 -16.14
C SER C 183 -18.91 -23.37 -16.04
N PRO C 184 -19.04 -22.23 -15.31
CA PRO C 184 -17.93 -21.29 -15.16
C PRO C 184 -16.73 -21.90 -14.43
N GLU C 185 -15.53 -21.51 -14.85
CA GLU C 185 -14.29 -21.93 -14.20
C GLU C 185 -13.59 -20.74 -13.56
N TRP C 186 -13.30 -20.85 -12.28
CA TRP C 186 -12.52 -19.84 -11.55
C TRP C 186 -11.06 -19.96 -11.97
N ILE C 187 -10.59 -18.98 -12.73
CA ILE C 187 -9.20 -18.93 -13.17
C ILE C 187 -8.30 -18.60 -11.98
N GLY C 188 -8.79 -17.73 -11.11
CA GLY C 188 -8.06 -17.28 -9.94
C GLY C 188 -8.47 -15.88 -9.52
N HIS C 189 -7.81 -15.36 -8.50
CA HIS C 189 -7.98 -13.95 -8.13
C HIS C 189 -6.71 -13.25 -7.67
N ILE C 190 -6.79 -11.91 -7.65
CA ILE C 190 -5.68 -11.08 -7.21
C ILE C 190 -6.13 -10.09 -6.14
N SER C 191 -5.31 -9.95 -5.11
CA SER C 191 -5.48 -8.87 -4.14
C SER C 191 -5.03 -7.58 -4.80
N SER C 192 -5.91 -6.58 -4.80
CA SER C 192 -5.61 -5.30 -5.44
C SER C 192 -4.51 -4.54 -4.69
N SER C 193 -4.62 -4.47 -3.39
CA SER C 193 -3.67 -3.78 -2.62
C SER C 193 -2.28 -4.39 -2.49
N TYR C 194 -2.17 -5.69 -2.33
CA TYR C 194 -0.88 -6.35 -2.13
C TYR C 194 -0.39 -7.13 -3.34
N ALA C 195 -1.10 -7.00 -4.46
CA ALA C 195 -0.73 -7.65 -5.72
C ALA C 195 -0.42 -9.14 -5.53
N THR C 196 -1.22 -9.78 -4.68
CA THR C 196 -1.07 -11.20 -4.38
C THR C 196 -2.01 -12.02 -5.25
N SER C 197 -1.43 -12.88 -6.08
CA SER C 197 -2.19 -13.66 -7.07
C SER C 197 -2.29 -15.13 -6.67
N THR C 198 -3.50 -15.66 -6.76
CA THR C 198 -3.75 -17.08 -6.58
C THR C 198 -4.38 -17.63 -7.85
N TYR C 199 -3.84 -18.75 -8.33
CA TYR C 199 -4.30 -19.34 -9.57
C TYR C 199 -4.87 -20.74 -9.36
N ASN C 200 -5.91 -21.05 -10.11
CA ASN C 200 -6.33 -22.43 -10.32
C ASN C 200 -5.16 -23.13 -11.02
N GLN C 201 -4.83 -24.32 -10.54
CA GLN C 201 -3.73 -25.12 -11.08
C GLN C 201 -3.81 -25.27 -12.61
N LYS C 202 -5.04 -25.46 -13.10
CA LYS C 202 -5.32 -25.63 -14.53
C LYS C 202 -4.89 -24.42 -15.38
N PHE C 203 -4.87 -23.23 -14.78
CA PHE C 203 -4.51 -22.00 -15.51
C PHE C 203 -3.15 -21.39 -15.12
N LYS C 204 -2.32 -22.18 -14.45
CA LYS C 204 -1.02 -21.72 -13.94
C LYS C 204 -0.09 -21.19 -15.02
N ASN C 205 0.03 -21.94 -16.11
CA ASN C 205 0.87 -21.49 -17.20
C ASN C 205 0.02 -20.88 -18.32
N LYS C 206 -1.21 -20.48 -17.94
CA LYS C 206 -2.09 -19.84 -18.94
C LYS C 206 -2.32 -18.35 -18.66
N ALA C 207 -2.68 -18.04 -17.42
CA ALA C 207 -3.13 -16.70 -17.08
C ALA C 207 -2.17 -16.02 -16.13
N ALA C 208 -2.07 -14.71 -16.26
CA ALA C 208 -1.20 -13.91 -15.41
C ALA C 208 -1.89 -12.60 -15.05
N PHE C 209 -2.02 -12.34 -13.75
CA PHE C 209 -2.72 -11.15 -13.28
C PHE C 209 -1.77 -10.01 -12.94
N THR C 210 -2.18 -8.79 -13.32
CA THR C 210 -1.55 -7.56 -12.84
C THR C 210 -2.65 -6.58 -12.43
N VAL C 211 -2.30 -5.55 -11.67
CA VAL C 211 -3.22 -4.46 -11.32
C VAL C 211 -2.57 -3.10 -11.47
N ASP C 212 -3.40 -2.07 -11.65
CA ASP C 212 -2.94 -0.67 -11.58
C ASP C 212 -3.85 0.11 -10.62
N THR C 213 -3.35 0.33 -9.42
CA THR C 213 -4.05 1.07 -8.36
C THR C 213 -4.53 2.45 -8.83
N SER C 214 -3.67 3.15 -9.57
CA SER C 214 -3.94 4.50 -10.05
C SER C 214 -5.17 4.59 -10.96
N SER C 215 -5.27 3.66 -11.90
CA SER C 215 -6.36 3.68 -12.88
C SER C 215 -7.51 2.76 -12.50
N SER C 216 -7.48 2.22 -11.27
CA SER C 216 -8.49 1.28 -10.77
C SER C 216 -8.78 0.13 -11.74
N THR C 217 -7.73 -0.36 -12.41
CA THR C 217 -7.88 -1.38 -13.44
C THR C 217 -7.06 -2.62 -13.10
N ALA C 218 -7.69 -3.78 -13.29
CA ALA C 218 -7.01 -5.07 -13.19
C ALA C 218 -6.82 -5.65 -14.59
N PHE C 219 -5.75 -6.42 -14.77
CA PHE C 219 -5.44 -7.01 -16.07
C PHE C 219 -5.23 -8.52 -15.94
N MET C 220 -5.61 -9.24 -17.00
CA MET C 220 -5.24 -10.64 -17.14
C MET C 220 -4.65 -10.87 -18.53
N GLN C 221 -3.41 -11.36 -18.56
CA GLN C 221 -2.78 -11.75 -19.81
C GLN C 221 -2.89 -13.26 -20.01
N LEU C 222 -3.40 -13.64 -21.18
CA LEU C 222 -3.48 -15.04 -21.57
C LEU C 222 -2.49 -15.29 -22.73
N ASN C 223 -1.64 -16.30 -22.57
CA ASN C 223 -0.62 -16.60 -23.59
C ASN C 223 -0.70 -18.02 -24.16
N SER C 224 0.08 -18.28 -25.21
CA SER C 224 0.10 -19.57 -25.91
C SER C 224 -1.30 -20.05 -26.34
N LEU C 225 -2.09 -19.10 -26.84
CA LEU C 225 -3.50 -19.30 -27.12
C LEU C 225 -3.80 -20.39 -28.15
N THR C 226 -4.62 -21.36 -27.73
CA THR C 226 -5.12 -22.41 -28.61
C THR C 226 -6.64 -22.29 -28.69
N SER C 227 -7.29 -23.19 -29.43
CA SER C 227 -8.75 -23.21 -29.55
C SER C 227 -9.47 -23.43 -28.21
N GLU C 228 -8.83 -24.17 -27.32
CA GLU C 228 -9.37 -24.43 -25.97
C GLU C 228 -9.51 -23.16 -25.14
N ASP C 229 -8.75 -22.12 -25.52
CA ASP C 229 -8.75 -20.85 -24.80
C ASP C 229 -9.83 -19.88 -25.29
N SER C 230 -10.53 -20.26 -26.36
CA SER C 230 -11.64 -19.48 -26.88
C SER C 230 -12.84 -19.58 -25.94
N ALA C 231 -13.28 -18.43 -25.42
CA ALA C 231 -14.36 -18.37 -24.44
C ALA C 231 -14.70 -16.94 -24.07
N VAL C 232 -15.72 -16.75 -23.28
CA VAL C 232 -15.95 -15.50 -22.59
C VAL C 232 -15.24 -15.41 -21.26
N TYR C 233 -14.67 -14.26 -21.01
CA TYR C 233 -13.92 -14.06 -19.78
C TYR C 233 -14.47 -12.91 -18.94
N TYR C 234 -14.62 -13.17 -17.64
CA TYR C 234 -15.18 -12.20 -16.72
C TYR C 234 -14.19 -11.82 -15.64
N CYS C 235 -14.22 -10.55 -15.24
CA CYS C 235 -13.64 -10.13 -13.97
C CYS C 235 -14.78 -9.97 -12.98
N VAL C 236 -14.56 -10.42 -11.75
CA VAL C 236 -15.59 -10.42 -10.72
C VAL C 236 -15.02 -9.90 -9.42
N ARG C 237 -15.79 -9.05 -8.74
CA ARG C 237 -15.36 -8.50 -7.47
C ARG C 237 -15.76 -9.38 -6.29
N SER C 238 -14.84 -9.51 -5.34
CA SER C 238 -15.15 -10.08 -4.03
C SER C 238 -14.48 -9.22 -2.95
N GLY C 239 -14.95 -9.36 -1.71
CA GLY C 239 -14.47 -8.50 -0.63
C GLY C 239 -14.06 -9.20 0.64
N ASN C 240 -14.39 -8.57 1.77
CA ASN C 240 -14.03 -9.05 3.09
C ASN C 240 -15.28 -9.26 3.93
N TYR C 241 -15.12 -9.99 5.03
CA TYR C 241 -16.19 -10.15 6.01
C TYR C 241 -17.49 -10.61 5.34
N GLU C 242 -18.61 -9.95 5.63
CA GLU C 242 -19.89 -10.30 5.03
C GLU C 242 -19.90 -10.30 3.49
N GLU C 243 -18.94 -9.57 2.88
CA GLU C 243 -18.83 -9.44 1.42
C GLU C 243 -17.78 -10.38 0.81
N TYR C 244 -17.47 -11.46 1.53
CA TYR C 244 -16.44 -12.44 1.16
C TYR C 244 -16.67 -13.05 -0.22
N ALA C 245 -17.94 -13.28 -0.56
CA ALA C 245 -18.29 -13.90 -1.85
C ALA C 245 -18.14 -12.93 -3.02
N MET C 246 -17.99 -13.48 -4.22
CA MET C 246 -18.04 -12.70 -5.45
C MET C 246 -19.43 -12.10 -5.58
N ASP C 247 -19.50 -10.79 -5.85
CA ASP C 247 -20.80 -10.13 -5.98
C ASP C 247 -21.04 -9.57 -7.38
N TYR C 248 -20.26 -8.58 -7.78
CA TYR C 248 -20.47 -7.89 -9.04
C TYR C 248 -19.60 -8.42 -10.16
N TRP C 249 -20.25 -8.92 -11.21
CA TRP C 249 -19.58 -9.43 -12.39
C TRP C 249 -19.43 -8.30 -13.41
N GLY C 250 -18.35 -8.33 -14.18
CA GLY C 250 -18.20 -7.45 -15.34
C GLY C 250 -19.07 -7.93 -16.49
N GLN C 251 -19.09 -7.17 -17.59
CA GLN C 251 -19.98 -7.51 -18.71
C GLN C 251 -19.45 -8.66 -19.58
N GLY C 252 -18.16 -8.97 -19.44
CA GLY C 252 -17.55 -10.08 -20.16
C GLY C 252 -16.70 -9.66 -21.36
N THR C 253 -15.75 -10.51 -21.71
CA THR C 253 -14.85 -10.27 -22.85
C THR C 253 -14.67 -11.56 -23.65
N SER C 254 -15.17 -11.55 -24.88
CA SER C 254 -15.06 -12.70 -25.76
C SER C 254 -13.67 -12.78 -26.38
N VAL C 255 -13.03 -13.93 -26.22
CA VAL C 255 -11.76 -14.22 -26.87
C VAL C 255 -11.95 -15.40 -27.80
N THR C 256 -11.70 -15.19 -29.09
CA THR C 256 -11.78 -16.24 -30.08
C THR C 256 -10.38 -16.48 -30.66
N VAL C 257 -9.94 -17.73 -30.62
CA VAL C 257 -8.60 -18.10 -31.11
C VAL C 257 -8.70 -18.94 -32.38
N SER C 258 -8.16 -18.41 -33.46
CA SER C 258 -8.19 -19.08 -34.76
C SER C 258 -6.86 -19.80 -35.04
N GLN D 3 23.43 17.58 11.51
CA GLN D 3 22.51 18.37 10.64
C GLN D 3 23.04 19.79 10.42
N PRO D 4 23.13 20.22 9.13
CA PRO D 4 23.28 21.63 8.82
C PRO D 4 22.09 22.41 9.37
N ALA D 5 22.38 23.64 9.78
CA ALA D 5 21.43 24.47 10.49
C ALA D 5 20.23 24.80 9.62
N ASP D 6 19.18 25.31 10.26
CA ASP D 6 17.98 25.74 9.57
C ASP D 6 18.36 26.76 8.53
N ILE D 7 17.74 26.66 7.36
CA ILE D 7 18.04 27.60 6.29
C ILE D 7 17.12 28.81 6.38
N VAL D 8 17.72 30.00 6.49
CA VAL D 8 16.98 31.25 6.48
C VAL D 8 17.03 31.84 5.08
N LEU D 9 15.88 32.31 4.61
CA LEU D 9 15.78 32.99 3.32
C LEU D 9 15.41 34.45 3.53
N THR D 10 16.29 35.35 3.13
CA THR D 10 16.06 36.79 3.27
C THR D 10 15.67 37.40 1.93
N GLN D 11 14.48 37.99 1.89
CA GLN D 11 13.95 38.61 0.69
C GLN D 11 14.03 40.13 0.75
N THR D 12 14.51 40.73 -0.33
CA THR D 12 14.58 42.19 -0.45
C THR D 12 14.09 42.64 -1.83
N PRO D 13 13.30 43.73 -1.89
CA PRO D 13 12.83 44.49 -0.72
C PRO D 13 11.59 43.86 -0.08
N SER D 14 11.29 44.26 1.15
CA SER D 14 10.10 43.78 1.85
C SER D 14 8.83 44.27 1.14
N SER D 15 8.85 45.54 0.75
CA SER D 15 7.77 46.15 0.00
C SER D 15 8.35 46.93 -1.18
N LEU D 16 7.82 46.67 -2.37
CA LEU D 16 8.24 47.41 -3.56
C LEU D 16 7.05 48.12 -4.21
N PRO D 17 6.97 49.45 -4.04
CA PRO D 17 5.97 50.23 -4.77
C PRO D 17 6.35 50.39 -6.23
N VAL D 18 5.45 50.01 -7.14
CA VAL D 18 5.73 50.01 -8.58
C VAL D 18 4.59 50.54 -9.43
N SER D 19 4.95 51.18 -10.53
CA SER D 19 4.01 51.62 -11.56
C SER D 19 3.95 50.59 -12.70
N VAL D 20 2.82 50.56 -13.40
CA VAL D 20 2.55 49.57 -14.46
C VAL D 20 3.51 49.68 -15.63
N GLY D 21 4.18 48.56 -15.95
CA GLY D 21 5.10 48.48 -17.08
C GLY D 21 6.57 48.47 -16.69
N GLU D 22 6.83 48.68 -15.40
CA GLU D 22 8.17 48.74 -14.86
C GLU D 22 8.84 47.36 -14.83
N LYS D 23 10.16 47.35 -14.88
CA LYS D 23 10.94 46.13 -14.64
C LYS D 23 11.25 46.06 -13.14
N VAL D 24 10.91 44.95 -12.51
CA VAL D 24 11.18 44.77 -11.08
C VAL D 24 12.11 43.58 -10.82
N THR D 25 13.01 43.77 -9.85
CA THR D 25 13.94 42.72 -9.45
C THR D 25 13.89 42.53 -7.94
N MET D 26 13.46 41.35 -7.52
CA MET D 26 13.42 40.98 -6.11
C MET D 26 14.36 39.80 -5.87
N THR D 27 15.19 39.90 -4.83
CA THR D 27 16.21 38.90 -4.55
C THR D 27 15.86 38.02 -3.35
N CYS D 28 16.35 36.78 -3.39
CA CYS D 28 16.22 35.84 -2.28
C CYS D 28 17.60 35.35 -1.88
N LYS D 29 18.00 35.66 -0.65
CA LYS D 29 19.31 35.26 -0.14
C LYS D 29 19.18 34.10 0.84
N SER D 30 19.92 33.02 0.55
CA SER D 30 19.89 31.81 1.37
C SER D 30 21.12 31.74 2.29
N SER D 31 20.90 31.25 3.52
CA SER D 31 21.97 31.14 4.51
C SER D 31 22.91 29.96 4.22
N GLN D 32 22.42 29.01 3.42
CA GLN D 32 23.20 27.86 2.98
C GLN D 32 22.96 27.64 1.49
N THR D 33 23.90 26.97 0.82
CA THR D 33 23.73 26.61 -0.58
C THR D 33 22.57 25.65 -0.78
N LEU D 34 21.73 25.94 -1.78
CA LEU D 34 20.57 25.11 -2.09
C LEU D 34 20.86 24.21 -3.30
N LEU D 35 22.14 24.04 -3.60
CA LEU D 35 22.59 23.21 -4.71
C LEU D 35 22.90 21.80 -4.23
N TYR D 36 22.26 20.82 -4.87
CA TYR D 36 22.52 19.41 -4.61
C TYR D 36 23.59 18.94 -5.58
N SER D 37 24.74 18.55 -5.05
CA SER D 37 25.93 18.23 -5.86
C SER D 37 25.73 17.10 -6.89
N ASN D 38 24.90 16.13 -6.55
CA ASN D 38 24.63 14.98 -7.42
C ASN D 38 24.00 15.35 -8.76
N ASN D 39 22.94 16.17 -8.71
CA ASN D 39 22.23 16.59 -9.92
C ASN D 39 22.51 18.03 -10.33
N GLN D 40 23.28 18.75 -9.51
CA GLN D 40 23.61 20.17 -9.71
C GLN D 40 22.38 21.06 -9.93
N LYS D 41 21.31 20.76 -9.20
CA LYS D 41 20.08 21.55 -9.23
C LYS D 41 19.94 22.40 -7.99
N ASN D 42 19.42 23.61 -8.15
CA ASN D 42 19.11 24.48 -7.04
C ASN D 42 17.70 24.19 -6.52
N TYR D 43 17.59 23.86 -5.25
CA TYR D 43 16.32 23.44 -4.65
C TYR D 43 15.56 24.64 -4.10
N LEU D 44 15.20 25.55 -5.02
CA LEU D 44 14.57 26.83 -4.68
C LEU D 44 13.37 27.07 -5.59
N ALA D 45 12.25 27.48 -4.99
CA ALA D 45 11.02 27.76 -5.72
C ALA D 45 10.45 29.14 -5.39
N TRP D 46 9.69 29.70 -6.32
CA TRP D 46 8.99 30.98 -6.13
C TRP D 46 7.48 30.78 -6.15
N TYR D 47 6.78 31.41 -5.22
CA TYR D 47 5.32 31.35 -5.14
C TYR D 47 4.68 32.73 -5.18
N GLN D 48 3.53 32.80 -5.85
CA GLN D 48 2.78 34.04 -5.95
C GLN D 48 1.45 33.90 -5.22
N GLN D 49 1.17 34.84 -4.33
CA GLN D 49 -0.13 34.90 -3.67
C GLN D 49 -0.83 36.23 -3.94
N LYS D 50 -1.84 36.19 -4.80
CA LYS D 50 -2.68 37.35 -5.07
C LYS D 50 -3.65 37.56 -3.90
N PRO D 51 -4.06 38.83 -3.64
CA PRO D 51 -4.98 39.14 -2.54
C PRO D 51 -6.27 38.36 -2.60
N GLY D 52 -6.64 37.72 -1.48
CA GLY D 52 -7.85 36.90 -1.38
C GLY D 52 -7.76 35.58 -2.11
N GLN D 53 -6.55 35.07 -2.28
CA GLN D 53 -6.33 33.80 -2.99
C GLN D 53 -5.24 32.95 -2.32
N SER D 54 -5.25 31.65 -2.63
CA SER D 54 -4.17 30.76 -2.20
C SER D 54 -2.97 30.92 -3.13
N PRO D 55 -1.75 30.70 -2.61
CA PRO D 55 -0.54 30.86 -3.43
C PRO D 55 -0.44 29.89 -4.61
N LYS D 56 0.46 30.19 -5.54
CA LYS D 56 0.69 29.34 -6.71
C LYS D 56 2.16 29.24 -7.09
N LEU D 57 2.58 28.07 -7.57
CA LEU D 57 3.95 27.88 -8.02
C LEU D 57 4.17 28.61 -9.34
N LEU D 58 5.15 29.51 -9.34
CA LEU D 58 5.58 30.18 -10.56
C LEU D 58 6.79 29.47 -11.14
N ILE D 59 7.78 29.22 -10.29
CA ILE D 59 9.06 28.67 -10.70
C ILE D 59 9.64 27.75 -9.64
N SER D 60 10.12 26.59 -10.07
CA SER D 60 10.94 25.70 -9.23
C SER D 60 12.27 25.42 -9.93
N TRP D 61 13.17 24.72 -9.27
CA TRP D 61 14.50 24.52 -9.73
C TRP D 61 15.27 25.78 -10.08
N ALA D 62 14.96 26.84 -9.33
CA ALA D 62 15.63 28.13 -9.52
C ALA D 62 15.10 28.86 -10.74
N PHE D 63 14.82 28.12 -11.81
CA PHE D 63 14.62 28.80 -13.04
C PHE D 63 13.60 28.21 -13.96
N THR D 64 13.04 27.09 -13.58
CA THR D 64 12.07 26.38 -14.41
C THR D 64 10.67 26.87 -14.13
N ARG D 65 10.12 27.63 -15.07
CA ARG D 65 8.75 28.10 -14.95
C ARG D 65 7.78 26.94 -15.01
N LYS D 66 6.77 27.01 -14.16
CA LYS D 66 5.67 26.08 -14.20
C LYS D 66 4.89 26.30 -15.48
N SER D 67 4.44 25.21 -16.09
CA SER D 67 3.65 25.25 -17.31
C SER D 67 2.47 26.23 -17.20
N GLY D 68 2.44 27.20 -18.12
CA GLY D 68 1.37 28.19 -18.15
C GLY D 68 1.63 29.47 -17.39
N VAL D 69 2.82 29.62 -16.82
CA VAL D 69 3.21 30.86 -16.14
C VAL D 69 3.73 31.85 -17.18
N PRO D 70 3.16 33.08 -17.21
CA PRO D 70 3.58 34.12 -18.16
C PRO D 70 5.11 34.23 -18.26
N ASP D 71 5.62 34.24 -19.49
CA ASP D 71 7.06 34.20 -19.73
C ASP D 71 7.82 35.46 -19.30
N ARG D 72 7.11 36.45 -18.77
CA ARG D 72 7.72 37.65 -18.23
C ARG D 72 8.34 37.43 -16.85
N PHE D 73 8.01 36.30 -16.22
CA PHE D 73 8.60 35.90 -14.95
C PHE D 73 9.90 35.13 -15.19
N THR D 74 11.02 35.66 -14.70
CA THR D 74 12.32 35.03 -14.86
C THR D 74 12.98 34.74 -13.52
N GLY D 75 13.23 33.45 -13.26
CA GLY D 75 13.99 33.02 -12.10
C GLY D 75 15.44 32.82 -12.50
N SER D 76 16.34 33.32 -11.67
CA SER D 76 17.78 33.16 -11.90
C SER D 76 18.57 33.05 -10.60
N GLY D 77 19.86 32.73 -10.73
CA GLY D 77 20.74 32.58 -9.57
C GLY D 77 21.19 31.14 -9.38
N SER D 78 22.06 30.95 -8.39
CA SER D 78 22.63 29.63 -8.09
C SER D 78 23.32 29.66 -6.72
N GLY D 79 23.18 28.56 -5.99
CA GLY D 79 23.81 28.41 -4.67
C GLY D 79 23.07 29.11 -3.56
N THR D 80 23.42 30.36 -3.29
CA THR D 80 22.84 31.14 -2.20
C THR D 80 22.05 32.37 -2.67
N ASP D 81 22.38 32.86 -3.87
CA ASP D 81 21.79 34.11 -4.37
C ASP D 81 20.85 33.89 -5.55
N PHE D 82 19.60 34.30 -5.37
CA PHE D 82 18.54 34.06 -6.36
C PHE D 82 17.69 35.31 -6.59
N THR D 83 17.24 35.50 -7.84
CA THR D 83 16.40 36.64 -8.18
C THR D 83 15.15 36.24 -8.97
N LEU D 84 14.07 36.97 -8.75
CA LEU D 84 12.87 36.88 -9.57
C LEU D 84 12.65 38.21 -10.30
N THR D 85 12.59 38.13 -11.62
CA THR D 85 12.44 39.33 -12.46
C THR D 85 11.12 39.30 -13.21
N ILE D 86 10.43 40.44 -13.21
CA ILE D 86 9.27 40.65 -14.08
C ILE D 86 9.68 41.67 -15.13
N GLY D 87 9.66 41.24 -16.40
CA GLY D 87 10.05 42.10 -17.52
C GLY D 87 9.26 43.40 -17.53
N SER D 88 7.94 43.28 -17.69
CA SER D 88 7.03 44.41 -17.59
C SER D 88 5.81 43.98 -16.78
N VAL D 89 5.67 44.57 -15.59
CA VAL D 89 4.58 44.21 -14.67
C VAL D 89 3.20 44.54 -15.21
N LYS D 90 2.33 43.53 -15.22
CA LYS D 90 0.92 43.71 -15.53
C LYS D 90 0.19 44.19 -14.29
N ALA D 91 -1.10 44.50 -14.45
CA ALA D 91 -1.95 44.87 -13.31
C ALA D 91 -2.23 43.65 -12.43
N GLU D 92 -2.39 42.50 -13.10
CA GLU D 92 -2.65 41.21 -12.43
C GLU D 92 -1.51 40.75 -11.53
N ASP D 93 -0.32 41.33 -11.71
CA ASP D 93 0.87 40.93 -10.97
C ASP D 93 0.93 41.44 -9.53
N LEU D 94 -0.09 42.22 -9.15
CA LEU D 94 -0.24 42.70 -7.77
C LEU D 94 -0.37 41.52 -6.80
N ALA D 95 0.72 41.23 -6.10
CA ALA D 95 0.79 40.07 -5.22
C ALA D 95 1.96 40.11 -4.24
N VAL D 96 2.01 39.13 -3.35
CA VAL D 96 3.17 38.91 -2.49
C VAL D 96 3.94 37.71 -3.03
N TYR D 97 5.25 37.88 -3.22
CA TYR D 97 6.09 36.85 -3.82
C TYR D 97 7.04 36.24 -2.80
N TYR D 98 6.97 34.90 -2.68
CA TYR D 98 7.75 34.17 -1.69
C TYR D 98 8.74 33.19 -2.35
N CYS D 99 9.99 33.27 -1.93
CA CYS D 99 10.96 32.24 -2.27
C CYS D 99 10.92 31.16 -1.21
N GLN D 100 11.20 29.93 -1.61
CA GLN D 100 11.04 28.77 -0.73
C GLN D 100 12.08 27.71 -1.06
N GLN D 101 12.72 27.16 -0.02
CA GLN D 101 13.71 26.11 -0.22
C GLN D 101 13.18 24.74 0.22
N TYR D 102 13.50 23.73 -0.57
CA TYR D 102 13.14 22.34 -0.28
C TYR D 102 14.39 21.48 -0.32
N SER D 103 15.48 22.05 0.17
CA SER D 103 16.78 21.39 0.19
C SER D 103 16.97 20.55 1.44
N ASN D 104 16.54 21.08 2.58
CA ASN D 104 16.69 20.41 3.87
C ASN D 104 15.54 20.71 4.80
N TYR D 105 15.27 19.78 5.72
CA TYR D 105 14.30 19.99 6.79
C TYR D 105 14.83 20.96 7.85
N PRO D 106 13.96 21.87 8.36
CA PRO D 106 12.62 22.08 7.84
C PRO D 106 12.63 22.90 6.56
N TRP D 107 11.64 22.68 5.70
CA TRP D 107 11.44 23.53 4.54
C TRP D 107 11.08 24.92 5.04
N THR D 108 11.59 25.95 4.38
CA THR D 108 11.42 27.32 4.86
C THR D 108 11.04 28.28 3.75
N PHE D 109 10.37 29.37 4.12
CA PHE D 109 9.96 30.42 3.19
C PHE D 109 10.73 31.70 3.47
N GLY D 110 10.87 32.55 2.46
CA GLY D 110 11.39 33.89 2.63
C GLY D 110 10.35 34.81 3.23
N GLY D 111 10.78 36.01 3.63
CA GLY D 111 9.92 37.00 4.28
C GLY D 111 8.85 37.59 3.36
N GLY D 112 9.10 37.53 2.06
CA GLY D 112 8.15 38.00 1.06
C GLY D 112 8.48 39.36 0.48
N THR D 113 8.08 39.56 -0.77
CA THR D 113 8.15 40.86 -1.43
C THR D 113 6.76 41.22 -1.92
N ARG D 114 6.21 42.32 -1.39
CA ARG D 114 4.89 42.77 -1.80
C ARG D 114 4.99 43.88 -2.82
N LEU D 115 4.32 43.69 -3.95
CA LEU D 115 4.24 44.72 -4.97
C LEU D 115 3.00 45.57 -4.76
N GLU D 116 3.21 46.84 -4.46
CA GLU D 116 2.12 47.81 -4.31
C GLU D 116 2.03 48.66 -5.56
N ILE D 117 0.80 48.87 -6.04
CA ILE D 117 0.57 49.59 -7.29
C ILE D 117 0.62 51.10 -7.09
N LYS D 118 1.38 51.77 -7.95
CA LYS D 118 1.47 53.23 -7.96
C LYS D 118 0.57 53.80 -9.05
N SER D 139 -6.86 22.85 -12.35
CA SER D 139 -8.27 22.45 -12.12
C SER D 139 -8.45 20.93 -12.04
N GLU D 140 -7.77 19.97 -12.88
CA GLU D 140 -7.93 18.56 -12.52
C GLU D 140 -7.32 18.35 -11.14
N VAL D 141 -6.01 18.56 -11.00
CA VAL D 141 -5.36 18.46 -9.70
C VAL D 141 -5.99 19.50 -8.76
N GLN D 142 -6.68 19.01 -7.74
CA GLN D 142 -7.32 19.85 -6.75
C GLN D 142 -7.17 19.28 -5.35
N LEU D 143 -6.87 20.15 -4.40
CA LEU D 143 -6.90 19.81 -2.99
C LEU D 143 -8.05 20.58 -2.33
N GLN D 144 -9.06 19.83 -1.90
CA GLN D 144 -10.28 20.42 -1.37
C GLN D 144 -10.32 20.31 0.15
N GLN D 145 -10.22 21.46 0.83
CA GLN D 145 -10.12 21.52 2.28
C GLN D 145 -11.47 21.75 2.94
N SER D 146 -11.60 21.27 4.18
CA SER D 146 -12.80 21.49 4.99
C SER D 146 -12.98 22.97 5.34
N GLY D 147 -14.21 23.33 5.75
CA GLY D 147 -14.59 24.72 5.98
C GLY D 147 -13.94 25.39 7.18
N PRO D 148 -14.25 26.69 7.40
CA PRO D 148 -13.67 27.48 8.48
C PRO D 148 -14.02 26.96 9.88
N GLU D 149 -13.10 27.14 10.82
CA GLU D 149 -13.26 26.67 12.19
C GLU D 149 -13.14 27.82 13.18
N VAL D 150 -14.09 27.88 14.12
CA VAL D 150 -13.99 28.78 15.27
C VAL D 150 -14.10 27.94 16.54
N VAL D 151 -12.97 27.74 17.20
CA VAL D 151 -12.87 26.89 18.38
C VAL D 151 -12.30 27.63 19.59
N LYS D 152 -12.22 26.94 20.72
CA LYS D 152 -11.82 27.56 21.98
C LYS D 152 -10.44 27.10 22.46
N THR D 153 -9.85 27.88 23.37
CA THR D 153 -8.56 27.56 23.99
C THR D 153 -8.61 26.19 24.66
N GLY D 154 -7.59 25.36 24.37
CA GLY D 154 -7.50 24.02 24.94
C GLY D 154 -8.07 22.93 24.08
N ALA D 155 -8.94 23.30 23.13
CA ALA D 155 -9.60 22.34 22.26
C ALA D 155 -8.69 21.79 21.15
N SER D 156 -9.20 20.80 20.44
CA SER D 156 -8.54 20.23 19.26
C SER D 156 -9.36 20.53 18.01
N VAL D 157 -8.68 20.62 16.87
CA VAL D 157 -9.35 20.75 15.59
C VAL D 157 -8.73 19.81 14.54
N LYS D 158 -9.57 19.24 13.68
CA LYS D 158 -9.10 18.37 12.60
C LYS D 158 -9.48 18.95 11.25
N ILE D 159 -8.46 19.26 10.44
CA ILE D 159 -8.65 19.76 9.09
C ILE D 159 -8.49 18.60 8.10
N SER D 160 -9.37 18.54 7.11
CA SER D 160 -9.29 17.53 6.06
C SER D 160 -8.83 18.13 4.74
N CYS D 161 -8.16 17.31 3.94
CA CYS D 161 -7.67 17.74 2.63
C CYS D 161 -7.95 16.64 1.62
N LYS D 162 -9.01 16.83 0.83
CA LYS D 162 -9.46 15.85 -0.16
C LYS D 162 -8.77 16.05 -1.50
N ALA D 163 -8.15 14.98 -1.99
CA ALA D 163 -7.39 15.03 -3.22
C ALA D 163 -8.12 14.38 -4.38
N SER D 164 -8.08 15.05 -5.53
CA SER D 164 -8.59 14.49 -6.79
C SER D 164 -7.78 14.99 -7.98
N GLY D 165 -7.91 14.29 -9.10
CA GLY D 165 -7.25 14.66 -10.35
C GLY D 165 -5.86 14.07 -10.52
N TYR D 166 -5.45 13.26 -9.56
CA TYR D 166 -4.13 12.60 -9.60
C TYR D 166 -4.11 11.35 -8.72
N SER D 167 -3.06 10.54 -8.87
CA SER D 167 -2.88 9.35 -8.05
C SER D 167 -2.37 9.73 -6.66
N PHE D 168 -3.30 9.70 -5.69
CA PHE D 168 -3.05 10.16 -4.31
C PHE D 168 -1.77 9.61 -3.69
N THR D 169 -1.58 8.29 -3.78
CA THR D 169 -0.47 7.60 -3.11
C THR D 169 0.92 7.87 -3.72
N GLY D 170 0.96 8.56 -4.86
CA GLY D 170 2.22 8.87 -5.53
C GLY D 170 2.86 10.19 -5.14
N TYR D 171 2.23 10.89 -4.19
CA TYR D 171 2.65 12.24 -3.82
C TYR D 171 2.73 12.46 -2.31
N PHE D 172 3.10 13.67 -1.91
CA PHE D 172 3.21 14.05 -0.50
C PHE D 172 2.22 15.17 -0.18
N ILE D 173 1.78 15.24 1.07
CA ILE D 173 0.95 16.35 1.51
C ILE D 173 1.72 17.19 2.53
N ASN D 174 2.03 18.42 2.13
CA ASN D 174 2.66 19.40 3.01
C ASN D 174 1.60 20.23 3.72
N TRP D 175 1.96 20.76 4.89
CA TRP D 175 1.01 21.57 5.65
C TRP D 175 1.62 22.92 6.00
N VAL D 176 0.93 23.99 5.62
CA VAL D 176 1.45 25.34 5.75
C VAL D 176 0.55 26.24 6.60
N LYS D 177 1.18 27.04 7.46
CA LYS D 177 0.48 28.04 8.27
C LYS D 177 0.73 29.42 7.67
N LYS D 178 -0.34 30.20 7.52
CA LYS D 178 -0.22 31.54 6.96
C LYS D 178 -0.99 32.58 7.78
N ASN D 179 -0.23 33.53 8.35
CA ASN D 179 -0.78 34.73 8.95
C ASN D 179 -0.51 35.91 8.04
N SER D 180 -1.50 36.81 7.91
CA SER D 180 -1.36 37.96 7.01
C SER D 180 -0.31 38.96 7.51
N GLY D 181 0.57 39.37 6.59
CA GLY D 181 1.71 40.21 6.94
C GLY D 181 2.92 39.41 7.37
N LYS D 182 2.80 38.07 7.32
CA LYS D 182 3.86 37.17 7.74
C LYS D 182 4.23 36.16 6.66
N SER D 183 5.44 35.61 6.76
CA SER D 183 5.92 34.51 5.91
C SER D 183 5.09 33.26 6.16
N PRO D 184 4.88 32.43 5.12
CA PRO D 184 4.24 31.13 5.34
C PRO D 184 5.19 30.23 6.12
N GLU D 185 4.63 29.41 7.00
CA GLU D 185 5.42 28.45 7.76
C GLU D 185 5.10 27.03 7.34
N TRP D 186 6.14 26.26 7.04
CA TRP D 186 6.03 24.83 6.77
C TRP D 186 5.86 24.13 8.10
N ILE D 187 4.66 23.57 8.32
CA ILE D 187 4.39 22.77 9.52
C ILE D 187 5.07 21.40 9.39
N GLY D 188 4.93 20.78 8.22
CA GLY D 188 5.55 19.50 7.94
C GLY D 188 4.96 18.83 6.70
N HIS D 189 5.40 17.61 6.42
CA HIS D 189 4.72 16.79 5.41
C HIS D 189 4.59 15.31 5.74
N ILE D 190 3.65 14.66 5.04
CA ILE D 190 3.43 13.24 5.17
C ILE D 190 3.50 12.54 3.80
N SER D 191 4.13 11.37 3.77
CA SER D 191 4.08 10.48 2.62
C SER D 191 2.67 9.90 2.54
N SER D 192 1.97 10.17 1.44
CA SER D 192 0.57 9.73 1.30
C SER D 192 0.40 8.21 1.25
N SER D 193 1.46 7.50 0.91
CA SER D 193 1.41 6.04 0.82
C SER D 193 1.99 5.34 2.05
N TYR D 194 3.07 5.88 2.59
CA TYR D 194 3.74 5.24 3.73
C TYR D 194 3.43 5.87 5.08
N ALA D 195 2.59 6.92 5.06
CA ALA D 195 2.20 7.65 6.27
C ALA D 195 3.38 8.16 7.09
N THR D 196 4.49 8.45 6.42
CA THR D 196 5.69 8.93 7.06
C THR D 196 5.64 10.45 7.25
N SER D 197 5.78 10.87 8.50
CA SER D 197 5.60 12.25 8.88
C SER D 197 6.91 12.90 9.27
N THR D 198 7.13 14.10 8.76
CA THR D 198 8.22 14.93 9.20
C THR D 198 7.65 16.26 9.66
N TYR D 199 7.99 16.65 10.88
CA TYR D 199 7.46 17.87 11.47
C TYR D 199 8.55 18.91 11.64
N ASN D 200 8.18 20.15 11.35
CA ASN D 200 8.93 21.31 11.80
C ASN D 200 8.94 21.29 13.33
N GLN D 201 10.14 21.32 13.93
CA GLN D 201 10.29 21.28 15.39
C GLN D 201 9.41 22.32 16.10
N LYS D 202 9.15 23.44 15.43
CA LYS D 202 8.27 24.49 15.92
C LYS D 202 6.85 23.95 16.19
N PHE D 203 6.41 23.00 15.36
CA PHE D 203 5.04 22.48 15.41
C PHE D 203 4.96 21.02 15.88
N LYS D 204 6.10 20.46 16.27
CA LYS D 204 6.24 19.05 16.67
C LYS D 204 5.14 18.55 17.62
N ASN D 205 4.87 19.28 18.69
CA ASN D 205 3.81 18.89 19.63
C ASN D 205 2.54 19.73 19.51
N LYS D 206 2.31 20.26 18.31
CA LYS D 206 1.10 21.01 17.99
C LYS D 206 0.29 20.28 16.92
N ALA D 207 0.99 19.70 15.96
CA ALA D 207 0.36 19.08 14.79
C ALA D 207 0.57 17.58 14.71
N ALA D 208 -0.39 16.90 14.08
CA ALA D 208 -0.29 15.47 13.79
C ALA D 208 -0.94 15.16 12.45
N PHE D 209 -0.22 14.44 11.60
CA PHE D 209 -0.71 14.13 10.25
C PHE D 209 -1.21 12.69 10.14
N THR D 210 -2.37 12.54 9.52
CA THR D 210 -2.88 11.22 9.15
C THR D 210 -3.37 11.25 7.70
N VAL D 211 -3.36 10.10 7.04
CA VAL D 211 -3.94 9.98 5.69
C VAL D 211 -4.87 8.77 5.58
N ASP D 212 -5.94 8.94 4.83
CA ASP D 212 -6.84 7.86 4.46
C ASP D 212 -6.61 7.56 2.97
N THR D 213 -5.89 6.47 2.72
CA THR D 213 -5.52 6.02 1.37
C THR D 213 -6.74 5.61 0.53
N SER D 214 -7.76 5.07 1.18
CA SER D 214 -8.95 4.59 0.49
C SER D 214 -9.88 5.72 0.02
N SER D 215 -9.77 6.89 0.64
CA SER D 215 -10.63 8.03 0.29
C SER D 215 -9.82 9.23 -0.23
N SER D 216 -8.53 9.01 -0.45
CA SER D 216 -7.61 10.05 -0.96
C SER D 216 -7.69 11.36 -0.15
N THR D 217 -7.68 11.22 1.17
CA THR D 217 -7.82 12.37 2.06
C THR D 217 -6.69 12.44 3.10
N ALA D 218 -6.16 13.63 3.27
CA ALA D 218 -5.13 13.90 4.27
C ALA D 218 -5.72 14.74 5.40
N PHE D 219 -5.25 14.50 6.61
CA PHE D 219 -5.74 15.23 7.78
C PHE D 219 -4.59 15.86 8.56
N MET D 220 -4.90 16.95 9.24
CA MET D 220 -4.00 17.53 10.23
C MET D 220 -4.79 17.88 11.47
N GLN D 221 -4.39 17.30 12.60
CA GLN D 221 -5.01 17.63 13.87
C GLN D 221 -4.13 18.62 14.61
N LEU D 222 -4.75 19.73 15.02
CA LEU D 222 -4.09 20.72 15.87
C LEU D 222 -4.70 20.63 17.26
N ASN D 223 -3.88 20.28 18.25
CA ASN D 223 -4.35 20.12 19.63
C ASN D 223 -3.87 21.24 20.56
N SER D 224 -4.54 21.36 21.70
CA SER D 224 -4.22 22.38 22.71
C SER D 224 -4.21 23.79 22.12
N LEU D 225 -5.26 24.14 21.39
CA LEU D 225 -5.34 25.42 20.69
C LEU D 225 -5.25 26.63 21.61
N THR D 226 -4.52 27.65 21.14
CA THR D 226 -4.49 28.97 21.78
C THR D 226 -4.79 30.01 20.70
N SER D 227 -4.94 31.26 21.11
CA SER D 227 -5.15 32.37 20.17
C SER D 227 -4.02 32.49 19.15
N GLU D 228 -2.84 31.99 19.52
CA GLU D 228 -1.65 32.05 18.68
C GLU D 228 -1.69 31.04 17.54
N ASP D 229 -2.63 30.10 17.62
CA ASP D 229 -2.84 29.11 16.55
C ASP D 229 -3.83 29.60 15.50
N SER D 230 -4.38 30.79 15.72
CA SER D 230 -5.28 31.41 14.75
C SER D 230 -4.53 31.75 13.47
N ALA D 231 -4.98 31.18 12.37
CA ALA D 231 -4.36 31.36 11.06
C ALA D 231 -5.11 30.61 9.97
N VAL D 232 -4.72 30.81 8.74
CA VAL D 232 -5.18 29.99 7.64
C VAL D 232 -4.21 28.89 7.37
N TYR D 233 -4.73 27.70 7.27
CA TYR D 233 -3.90 26.51 7.08
C TYR D 233 -4.11 25.91 5.70
N TYR D 234 -3.01 25.56 5.04
CA TYR D 234 -3.04 24.99 3.70
C TYR D 234 -2.46 23.58 3.67
N CYS D 235 -3.07 22.72 2.86
CA CYS D 235 -2.42 21.50 2.42
C CYS D 235 -1.86 21.73 1.03
N VAL D 236 -0.67 21.19 0.77
CA VAL D 236 0.04 21.43 -0.48
C VAL D 236 0.70 20.15 -0.99
N ARG D 237 0.49 19.87 -2.28
CA ARG D 237 1.04 18.69 -2.91
C ARG D 237 2.48 18.95 -3.36
N SER D 238 3.33 17.94 -3.16
CA SER D 238 4.65 17.89 -3.79
C SER D 238 4.90 16.44 -4.19
N GLY D 239 5.79 16.24 -5.16
CA GLY D 239 6.00 14.90 -5.71
C GLY D 239 7.43 14.42 -5.74
N ASN D 240 7.76 13.69 -6.80
CA ASN D 240 9.07 13.09 -7.03
C ASN D 240 9.75 13.71 -8.25
N TYR D 241 11.05 13.43 -8.40
CA TYR D 241 11.84 13.90 -9.57
C TYR D 241 11.65 15.39 -9.86
N GLU D 242 11.41 15.72 -11.14
CA GLU D 242 11.22 17.12 -11.56
C GLU D 242 10.06 17.84 -10.86
N GLU D 243 9.15 17.05 -10.27
CA GLU D 243 8.01 17.57 -9.50
C GLU D 243 8.23 17.60 -7.97
N TYR D 244 9.50 17.59 -7.56
CA TYR D 244 9.90 17.55 -6.14
C TYR D 244 9.30 18.68 -5.28
N ALA D 245 9.20 19.88 -5.86
CA ALA D 245 8.74 21.06 -5.13
C ALA D 245 7.22 21.04 -4.92
N MET D 246 6.76 21.81 -3.94
CA MET D 246 5.33 22.01 -3.71
C MET D 246 4.73 22.72 -4.93
N ASP D 247 3.69 22.12 -5.51
CA ASP D 247 3.06 22.70 -6.70
C ASP D 247 1.63 23.20 -6.46
N TYR D 248 0.73 22.29 -6.08
CA TYR D 248 -0.69 22.62 -5.92
C TYR D 248 -1.13 22.83 -4.47
N TRP D 249 -1.66 24.03 -4.21
CA TRP D 249 -2.17 24.40 -2.89
C TRP D 249 -3.68 24.21 -2.83
N GLY D 250 -4.18 23.85 -1.65
CA GLY D 250 -5.62 23.85 -1.39
C GLY D 250 -6.14 25.27 -1.25
N GLN D 251 -7.45 25.43 -1.08
CA GLN D 251 -8.04 26.77 -0.97
C GLN D 251 -7.78 27.41 0.40
N GLY D 252 -7.37 26.58 1.35
CA GLY D 252 -7.10 27.04 2.71
C GLY D 252 -8.26 26.84 3.67
N THR D 253 -7.92 26.59 4.93
CA THR D 253 -8.90 26.49 6.02
C THR D 253 -8.59 27.53 7.07
N SER D 254 -9.57 28.40 7.35
CA SER D 254 -9.43 29.41 8.38
C SER D 254 -9.70 28.79 9.75
N VAL D 255 -8.75 28.96 10.67
CA VAL D 255 -8.90 28.49 12.04
C VAL D 255 -8.78 29.67 12.99
N THR D 256 -9.87 29.94 13.71
CA THR D 256 -9.92 31.02 14.69
C THR D 256 -10.10 30.40 16.08
N VAL D 257 -9.26 30.84 17.02
CA VAL D 257 -9.31 30.33 18.39
C VAL D 257 -9.69 31.44 19.37
N SER D 258 -10.79 31.23 20.09
CA SER D 258 -11.26 32.18 21.11
C SER D 258 -11.06 31.60 22.52
#